data_5AXW
#
_entry.id   5AXW
#
_cell.length_a   67.596
_cell.length_b   345.664
_cell.length_c   98.052
_cell.angle_alpha   90.000
_cell.angle_beta   90.000
_cell.angle_gamma   90.000
#
_symmetry.space_group_name_H-M   'P 21 21 2'
#
loop_
_entity.id
_entity.type
_entity.pdbx_description
1 polymer 'CRISPR-associated endonuclease Cas9'
2 polymer 'RNA (73-MER)'
3 polymer 'DNA (28-MER)'
4 polymer "DNA (5'-D(*TP*TP*GP*GP*GP*TP*AP*G)-3')"
5 non-polymer 'SODIUM ION'
6 non-polymer 'PHOSPHATE ION'
7 non-polymer 1,2-ETHANEDIOL
8 water water
#
loop_
_entity_poly.entity_id
_entity_poly.type
_entity_poly.pdbx_seq_one_letter_code
_entity_poly.pdbx_strand_id
1 'polypeptide(L)'
;GSHMKRNYILGLDIGITSVGYGIIDYETRDVIDAGVRLFKEANVENNEGRRSKRGARRLKRRRRHRIQRVKKLLFDYNLL
TDHSELSGINPYEARVKGLSQKLSEEEFSAALLHLAKRRGVHNVNEVEEDTGNELSTKEQISRNSKALEEKYVAELQLER
LKKDGEVRGSINRFKTSDYVKEAKQLLKVQKAYHQLDQSFIDTYIDLLETRRTYYEGPGEGSPFGWKDIKEWYEMLMGHC
TYFPEELRSVKYAYNADLYNALNDLNNLVITRDENEKLEYYEKFQIIENVFKQKKKPTLKQIAKEILVNEEDIKGYRVTS
TGKPEFTNLKVYHDIKDITARKEIIENAELLDQIAKILTIYQSSEDIQEELTNLNSELTQEEIEQISNLKGYTGTHNLSL
KAINLILDELWHTNDNQIAIFNRLKLVPKKVDLSQQKEIPTTLVDDFILSPVVKRSFIQSIKVINAIIKKYGLPNDIIIE
LAREKNSKDAQKMINEMQKRNRQTNERIEEIIRTTGKENAKYLIEKIKLHDMQEGKCLYSLEAIPLEDLLNNPFNYEVDH
IIPRSVSFDNSFNNKVLVKQEEASKKGNRTPFQYLSSSDSKISYETFKKHILNLAKGKGRISKTKKEYLLEERDINRFSV
QKDFINRNLVDTRYATRGLMNLLRSYFRVNNLDVKVKSINGGFTSFLRRKWKFKKERNKGYKHHAEDALIIANADFIFKE
WKKLDKAKKVMENQMFEEKQAESMPEIETEQEYKEIFITPHQIKHIKDFKDYKYSHRVDKKPNRELINDTLYSTRKDDKG
NTLIVNNLNGLYDKDNDKLKKLINKSPEKLLMYHHDPQTYQKLKLIMEQYGDEKNPLYKYYEETGNYLTKYSKKDNGPVI
KKIKYYGNKLNAHLDITDDYPNSRNKVVKLSLKPYRFDVYLDNGVYKFVTVKNLDVIKKENYYEVNSKAYEEAKKLKKIS
NQAEFIASFYNNDLIKINGELYRVIGVNNDLLNRIEVNMIDITYREYLENMNDKRPPRIIKTIASKTQSIKKYSTDILGN
LYEVKSKKHPQIIKKG
;
A
2 'polyribonucleotide' GGAAAUUAGGUGCGCUUGGCGUUUUAGUACUCUGGAAACAGAAUCUACUAAAACAAGGCAAAAUGCCGUGUUU B
3 'polydeoxyribonucleotide'
;(DC)(DT)(DA)(DC)(DC)(DC)(DA)(DA)(DG)(DC)(DC)(DA)(DA)(DG)(DC)(DG)(DC)(DA)(DC)(DC)
(DT)(DA)(DA)(DT)(DT)(DT)(DC)(DC)
;
C
4 'polydeoxyribonucleotide' (DT)(DT)(DG)(DG)(DG)(DT)(DA)(DG) D
#
# COMPACT_ATOMS: atom_id res chain seq x y z
N ARG A 6 0.52 -32.94 25.44
CA ARG A 6 0.47 -34.12 24.58
C ARG A 6 0.99 -33.78 23.17
N ASN A 7 0.70 -34.65 22.20
CA ASN A 7 1.05 -34.38 20.81
C ASN A 7 -0.04 -33.58 20.14
N TYR A 8 0.32 -32.43 19.57
CA TYR A 8 -0.70 -31.53 19.06
C TYR A 8 -0.44 -30.97 17.66
N ILE A 9 -1.51 -30.54 17.02
CA ILE A 9 -1.47 -29.89 15.71
C ILE A 9 -1.80 -28.40 15.87
N LEU A 10 -0.92 -27.54 15.37
CA LEU A 10 -1.12 -26.10 15.46
C LEU A 10 -1.65 -25.52 14.15
N GLY A 11 -2.81 -24.90 14.21
CA GLY A 11 -3.38 -24.22 13.06
C GLY A 11 -3.30 -22.71 13.22
N LEU A 12 -2.90 -22.01 12.17
CA LEU A 12 -2.79 -20.55 12.23
C LEU A 12 -3.63 -19.86 11.16
N ASP A 13 -4.52 -18.99 11.61
CA ASP A 13 -5.29 -18.15 10.70
C ASP A 13 -4.69 -16.75 10.73
N ILE A 14 -3.86 -16.44 9.74
CA ILE A 14 -3.16 -15.16 9.70
C ILE A 14 -3.94 -14.15 8.88
N GLY A 15 -4.32 -13.05 9.51
CA GLY A 15 -5.13 -12.04 8.87
C GLY A 15 -4.53 -10.66 8.89
N ILE A 16 -5.29 -9.69 8.40
CA ILE A 16 -4.86 -8.30 8.33
C ILE A 16 -4.69 -7.69 9.73
N THR A 17 -5.65 -7.98 10.60
CA THR A 17 -5.66 -7.40 11.94
C THR A 17 -5.70 -8.46 13.03
N SER A 18 -5.53 -9.72 12.66
CA SER A 18 -5.68 -10.81 13.62
C SER A 18 -4.85 -12.04 13.27
N VAL A 19 -4.38 -12.73 14.30
CA VAL A 19 -3.76 -14.03 14.16
C VAL A 19 -4.45 -15.02 15.10
N GLY A 20 -5.26 -15.91 14.53
CA GLY A 20 -5.95 -16.90 15.33
C GLY A 20 -5.18 -18.21 15.35
N TYR A 21 -5.05 -18.79 16.54
CA TYR A 21 -4.35 -20.06 16.67
C TYR A 21 -5.30 -21.16 17.16
N GLY A 22 -5.06 -22.38 16.68
CA GLY A 22 -5.84 -23.53 17.09
C GLY A 22 -4.94 -24.69 17.49
N ILE A 23 -5.09 -25.14 18.73
CA ILE A 23 -4.27 -26.24 19.23
C ILE A 23 -5.13 -27.48 19.49
N ILE A 24 -4.86 -28.53 18.72
CA ILE A 24 -5.66 -29.75 18.79
C ILE A 24 -4.75 -30.98 18.88
N ASP A 25 -5.22 -32.01 19.57
CA ASP A 25 -4.41 -33.21 19.80
C ASP A 25 -4.18 -34.00 18.50
N TYR A 26 -2.96 -34.49 18.33
CA TYR A 26 -2.56 -35.17 17.09
C TYR A 26 -3.24 -36.52 16.90
N GLU A 27 -3.76 -37.08 17.99
CA GLU A 27 -4.43 -38.38 17.92
C GLU A 27 -5.90 -38.28 18.32
N THR A 28 -6.16 -37.68 19.48
CA THR A 28 -7.52 -37.58 20.01
C THR A 28 -8.36 -36.58 19.23
N ARG A 29 -7.69 -35.65 18.54
CA ARG A 29 -8.38 -34.65 17.71
C ARG A 29 -9.23 -33.71 18.58
N ASP A 30 -8.92 -33.66 19.87
CA ASP A 30 -9.64 -32.80 20.80
C ASP A 30 -8.90 -31.48 21.00
N VAL A 31 -9.64 -30.38 21.04
CA VAL A 31 -9.04 -29.05 21.13
C VAL A 31 -8.44 -28.80 22.51
N ILE A 32 -7.14 -28.52 22.53
CA ILE A 32 -6.43 -28.22 23.76
C ILE A 32 -6.65 -26.77 24.15
N ASP A 33 -6.41 -25.86 23.20
CA ASP A 33 -6.60 -24.43 23.41
C ASP A 33 -6.82 -23.72 22.09
N ALA A 34 -7.37 -22.51 22.15
CA ALA A 34 -7.64 -21.71 20.97
C ALA A 34 -7.82 -20.25 21.36
N GLY A 35 -7.34 -19.34 20.52
CA GLY A 35 -7.42 -17.93 20.82
C GLY A 35 -7.08 -17.03 19.65
N VAL A 36 -7.14 -15.72 19.88
CA VAL A 36 -6.88 -14.73 18.84
C VAL A 36 -5.93 -13.64 19.34
N ARG A 37 -4.94 -13.30 18.52
CA ARG A 37 -4.08 -12.16 18.78
C ARG A 37 -4.54 -11.00 17.90
N LEU A 38 -4.85 -9.86 18.52
CA LEU A 38 -5.46 -8.76 17.80
C LEU A 38 -4.59 -7.50 17.80
N PHE A 39 -4.58 -6.81 16.66
CA PHE A 39 -3.71 -5.64 16.46
C PHE A 39 -4.23 -4.72 15.35
N LYS A 40 -3.69 -3.51 15.28
CA LYS A 40 -4.11 -2.55 14.27
C LYS A 40 -3.51 -2.91 12.91
N GLU A 41 -4.23 -2.61 11.85
CA GLU A 41 -3.70 -2.86 10.50
C GLU A 41 -2.54 -1.93 10.21
N ALA A 42 -1.42 -2.52 9.80
CA ALA A 42 -0.23 -1.76 9.45
C ALA A 42 -0.29 -1.31 8.00
N ASN A 43 -1.32 -0.53 7.65
CA ASN A 43 -1.51 -0.10 6.28
C ASN A 43 -0.55 1.02 5.89
N VAL A 44 -0.20 1.06 4.61
CA VAL A 44 0.86 1.94 4.11
C VAL A 44 0.58 3.42 4.36
N GLU A 45 -0.69 3.78 4.48
CA GLU A 45 -1.09 5.19 4.63
C GLU A 45 -0.56 5.82 5.91
N ASN A 46 -0.30 5.00 6.92
CA ASN A 46 0.23 5.52 8.19
C ASN A 46 1.63 6.11 8.01
N ASN A 47 2.54 5.34 7.43
CA ASN A 47 3.89 5.85 7.20
C ASN A 47 3.91 6.89 6.09
N GLU A 48 3.00 6.74 5.13
CA GLU A 48 2.84 7.75 4.08
C GLU A 48 2.51 9.10 4.68
N GLY A 49 1.66 9.10 5.71
CA GLY A 49 1.30 10.32 6.39
C GLY A 49 2.51 10.98 7.03
N ARG A 50 3.36 10.18 7.65
CA ARG A 50 4.56 10.69 8.29
C ARG A 50 5.52 11.28 7.27
N ARG A 51 5.76 10.53 6.20
CA ARG A 51 6.64 10.97 5.13
C ARG A 51 6.07 12.21 4.43
N SER A 52 4.75 12.25 4.28
CA SER A 52 4.10 13.40 3.63
C SER A 52 4.26 14.66 4.46
N LYS A 53 4.01 14.54 5.76
CA LYS A 53 4.18 15.67 6.67
C LYS A 53 5.62 16.12 6.73
N ARG A 54 6.55 15.16 6.74
CA ARG A 54 7.98 15.47 6.78
C ARG A 54 8.39 16.28 5.55
N GLY A 55 7.84 15.90 4.39
CA GLY A 55 8.11 16.62 3.17
C GLY A 55 7.52 18.01 3.17
N ALA A 56 6.32 18.13 3.72
CA ALA A 56 5.63 19.43 3.78
C ALA A 56 6.37 20.41 4.68
N ARG A 57 6.98 19.91 5.75
CA ARG A 57 7.71 20.77 6.67
C ARG A 57 8.95 21.35 5.98
N ARG A 58 9.62 20.52 5.18
CA ARG A 58 10.81 20.96 4.44
C ARG A 58 10.44 22.00 3.38
N LEU A 59 9.33 21.78 2.68
CA LEU A 59 8.85 22.74 1.69
C LEU A 59 8.65 24.10 2.31
N LYS A 60 7.91 24.13 3.42
CA LYS A 60 7.62 25.37 4.13
C LYS A 60 8.89 26.01 4.68
N ARG A 61 9.77 25.19 5.22
CA ARG A 61 11.03 25.66 5.79
C ARG A 61 11.93 26.31 4.75
N ARG A 62 12.07 25.65 3.61
CA ARG A 62 12.98 26.12 2.57
C ARG A 62 12.40 27.30 1.79
N ARG A 63 11.07 27.34 1.68
CA ARG A 63 10.40 28.48 1.08
C ARG A 63 10.64 29.72 1.92
N ARG A 64 10.53 29.57 3.24
CA ARG A 64 10.79 30.65 4.17
C ARG A 64 12.25 31.07 4.10
N HIS A 65 13.15 30.08 4.03
CA HIS A 65 14.58 30.35 3.99
C HIS A 65 14.95 31.08 2.69
N ARG A 66 14.26 30.75 1.60
CA ARG A 66 14.47 31.43 0.32
C ARG A 66 14.12 32.91 0.44
N ILE A 67 12.98 33.21 1.07
CA ILE A 67 12.54 34.59 1.25
C ILE A 67 13.52 35.39 2.10
N GLN A 68 13.98 34.78 3.19
CA GLN A 68 14.92 35.43 4.10
C GLN A 68 16.23 35.79 3.40
N ARG A 69 16.70 34.90 2.54
CA ARG A 69 17.92 35.13 1.77
C ARG A 69 17.71 36.25 0.76
N VAL A 70 16.53 36.30 0.17
CA VAL A 70 16.20 37.39 -0.77
C VAL A 70 16.14 38.71 -0.02
N LYS A 71 15.54 38.70 1.17
CA LYS A 71 15.50 39.88 2.01
C LYS A 71 16.89 40.26 2.52
N LYS A 72 17.67 39.25 2.90
CA LYS A 72 19.03 39.48 3.38
C LYS A 72 19.90 40.07 2.27
N LEU A 73 19.61 39.70 1.03
CA LEU A 73 20.32 40.25 -0.12
C LEU A 73 19.95 41.71 -0.33
N LEU A 74 18.66 42.01 -0.19
CA LEU A 74 18.15 43.36 -0.34
C LEU A 74 18.68 44.27 0.78
N PHE A 75 18.88 43.70 1.96
CA PHE A 75 19.47 44.44 3.08
C PHE A 75 20.92 44.81 2.77
N ASP A 76 21.67 43.85 2.25
CA ASP A 76 23.09 44.03 1.97
C ASP A 76 23.35 45.04 0.86
N TYR A 77 22.42 45.17 -0.07
CA TYR A 77 22.55 46.14 -1.15
C TYR A 77 21.83 47.44 -0.80
N ASN A 78 21.26 47.48 0.41
CA ASN A 78 20.62 48.67 0.96
C ASN A 78 19.45 49.16 0.13
N LEU A 79 18.57 48.23 -0.25
CA LEU A 79 17.30 48.55 -0.90
C LEU A 79 16.16 48.35 0.09
N LEU A 80 16.47 47.70 1.20
CA LEU A 80 15.49 47.40 2.24
C LEU A 80 16.06 47.68 3.62
N THR A 81 15.25 48.29 4.47
CA THR A 81 15.63 48.55 5.86
C THR A 81 14.56 48.02 6.80
N ASP A 82 14.81 48.10 8.10
CA ASP A 82 13.78 47.77 9.07
C ASP A 82 12.71 48.83 9.02
N HIS A 83 13.15 50.05 8.74
CA HIS A 83 12.27 51.21 8.71
C HIS A 83 11.44 51.26 7.42
N SER A 84 11.93 50.63 6.36
CA SER A 84 11.25 50.64 5.07
C SER A 84 9.88 49.96 5.18
N GLU A 85 8.84 50.68 4.76
CA GLU A 85 7.46 50.20 4.89
C GLU A 85 6.83 49.93 3.54
N LEU A 86 6.46 48.67 3.33
CA LEU A 86 5.83 48.25 2.08
C LEU A 86 4.56 47.44 2.36
N SER A 87 3.47 48.12 2.69
CA SER A 87 2.24 47.43 3.01
C SER A 87 1.17 47.65 1.95
N GLY A 88 1.00 48.91 1.53
CA GLY A 88 -0.03 49.24 0.56
C GLY A 88 0.25 48.76 -0.86
N ILE A 89 1.52 48.52 -1.15
CA ILE A 89 1.94 48.14 -2.50
C ILE A 89 1.34 46.81 -2.96
N ASN A 90 0.87 46.79 -4.20
CA ASN A 90 0.33 45.59 -4.82
C ASN A 90 1.35 45.02 -5.80
N PRO A 91 1.91 43.85 -5.46
CA PRO A 91 2.99 43.18 -6.22
C PRO A 91 2.70 43.08 -7.71
N TYR A 92 1.48 42.67 -8.05
CA TYR A 92 1.11 42.50 -9.45
C TYR A 92 1.16 43.83 -10.21
N GLU A 93 0.76 44.90 -9.54
CA GLU A 93 0.87 46.25 -10.11
C GLU A 93 2.34 46.66 -10.23
N ALA A 94 3.12 46.30 -9.23
CA ALA A 94 4.54 46.65 -9.19
C ALA A 94 5.36 45.81 -10.17
N ARG A 95 5.03 44.52 -10.26
CA ARG A 95 5.75 43.60 -11.14
C ARG A 95 5.55 43.96 -12.62
N VAL A 96 4.35 44.42 -12.96
CA VAL A 96 4.06 44.86 -14.31
C VAL A 96 4.76 46.18 -14.61
N LYS A 97 4.71 47.10 -13.65
CA LYS A 97 5.31 48.43 -13.82
C LYS A 97 6.83 48.32 -13.97
N GLY A 98 7.43 47.38 -13.25
CA GLY A 98 8.86 47.20 -13.30
C GLY A 98 9.37 46.64 -14.61
N LEU A 99 8.47 46.15 -15.44
CA LEU A 99 8.82 45.57 -16.72
C LEU A 99 9.13 46.64 -17.78
N SER A 100 8.75 47.88 -17.50
CA SER A 100 8.95 48.96 -18.47
C SER A 100 9.20 50.32 -17.82
N GLN A 101 9.03 50.41 -16.51
CA GLN A 101 9.19 51.69 -15.82
C GLN A 101 10.00 51.60 -14.54
N LYS A 102 10.07 52.71 -13.81
CA LYS A 102 10.84 52.81 -12.58
C LYS A 102 10.04 52.38 -11.35
N LEU A 103 10.72 51.78 -10.37
CA LEU A 103 10.09 51.38 -9.12
C LEU A 103 10.83 51.94 -7.92
N SER A 104 10.08 52.27 -6.86
CA SER A 104 10.67 52.65 -5.59
C SER A 104 11.45 51.48 -5.01
N GLU A 105 12.41 51.76 -4.13
CA GLU A 105 13.17 50.71 -3.48
C GLU A 105 12.26 49.78 -2.68
N GLU A 106 11.15 50.33 -2.20
CA GLU A 106 10.14 49.53 -1.50
C GLU A 106 9.26 48.80 -2.51
N GLU A 107 8.96 49.46 -3.62
CA GLU A 107 8.08 48.91 -4.63
C GLU A 107 8.78 47.86 -5.49
N PHE A 108 10.09 48.04 -5.70
CA PHE A 108 10.88 47.11 -6.51
C PHE A 108 11.17 45.81 -5.77
N SER A 109 11.43 45.93 -4.47
CA SER A 109 11.83 44.78 -3.66
C SER A 109 10.64 43.87 -3.35
N ALA A 110 9.49 44.48 -3.11
CA ALA A 110 8.27 43.76 -2.82
C ALA A 110 7.86 42.92 -4.03
N ALA A 111 8.24 43.40 -5.21
CA ALA A 111 8.02 42.68 -6.46
C ALA A 111 8.96 41.48 -6.54
N LEU A 112 10.19 41.67 -6.10
CA LEU A 112 11.18 40.58 -6.08
C LEU A 112 10.81 39.53 -5.03
N LEU A 113 10.37 39.99 -3.87
CA LEU A 113 9.98 39.10 -2.78
C LEU A 113 8.78 38.24 -3.16
N HIS A 114 7.83 38.83 -3.88
CA HIS A 114 6.64 38.10 -4.29
C HIS A 114 7.00 37.01 -5.31
N LEU A 115 7.90 37.35 -6.23
CA LEU A 115 8.41 36.38 -7.19
C LEU A 115 9.07 35.19 -6.50
N ALA A 116 9.82 35.46 -5.44
CA ALA A 116 10.57 34.42 -4.72
C ALA A 116 9.65 33.46 -3.96
N LYS A 117 8.48 33.93 -3.59
CA LYS A 117 7.56 33.13 -2.78
C LYS A 117 6.90 32.02 -3.58
N ARG A 118 6.48 32.34 -4.80
CA ARG A 118 5.79 31.38 -5.66
C ARG A 118 6.48 31.29 -7.02
N ARG A 119 7.36 30.31 -7.17
CA ARG A 119 8.31 30.24 -8.29
C ARG A 119 8.00 29.16 -9.34
N GLY A 120 6.89 28.47 -9.19
CA GLY A 120 6.44 27.52 -10.21
C GLY A 120 7.27 26.26 -10.38
N VAL A 121 6.91 25.43 -11.36
CA VAL A 121 7.51 24.12 -11.54
C VAL A 121 8.59 24.09 -12.60
N HIS A 122 9.43 23.06 -12.55
CA HIS A 122 10.58 22.93 -13.45
C HIS A 122 10.47 21.70 -14.36
N ASN A 123 10.04 20.58 -13.79
CA ASN A 123 10.05 19.30 -14.49
C ASN A 123 8.89 19.11 -15.47
N VAL A 124 7.70 19.58 -15.09
CA VAL A 124 6.50 19.45 -15.92
C VAL A 124 6.65 20.17 -17.26
N ASN A 125 7.27 21.34 -17.21
CA ASN A 125 7.50 22.25 -18.34
C ASN A 125 7.54 21.67 -19.75
N GLU A 126 8.43 20.71 -19.97
CA GLU A 126 8.79 20.24 -21.31
C GLU A 126 7.64 19.72 -22.16
N VAL A 127 6.77 18.90 -21.57
CA VAL A 127 5.75 18.21 -22.36
C VAL A 127 4.36 18.84 -22.24
N GLU A 128 3.83 19.26 -23.38
CA GLU A 128 2.47 19.80 -23.45
C GLU A 128 1.45 18.68 -23.33
N GLU A 129 0.22 19.04 -23.01
CA GLU A 129 -0.86 18.05 -22.90
C GLU A 129 -2.18 18.62 -23.40
N ASP A 130 -2.84 17.88 -24.31
CA ASP A 130 -4.16 18.25 -24.77
C ASP A 130 -5.11 18.32 -23.58
N THR A 131 -5.86 19.42 -23.48
CA THR A 131 -6.69 19.67 -22.31
C THR A 131 -7.94 18.79 -22.28
N GLY A 132 -7.92 17.79 -21.41
CA GLY A 132 -9.10 16.97 -21.16
C GLY A 132 -9.96 17.65 -20.10
N ASN A 133 -9.62 18.91 -19.84
CA ASN A 133 -10.32 19.79 -18.91
C ASN A 133 -10.19 19.38 -17.44
N GLU A 134 -9.35 18.38 -17.17
CA GLU A 134 -9.01 18.04 -15.81
C GLU A 134 -8.19 19.18 -15.22
N LEU A 135 -8.23 19.34 -13.90
CA LEU A 135 -7.42 20.35 -13.24
C LEU A 135 -6.01 19.78 -13.00
N SER A 136 -5.35 19.40 -14.10
CA SER A 136 -4.02 18.80 -14.06
C SER A 136 -2.93 19.82 -14.27
N THR A 137 -1.80 19.63 -13.59
CA THR A 137 -0.65 20.52 -13.75
C THR A 137 -0.15 20.51 -15.19
N LYS A 138 -0.05 19.31 -15.77
CA LYS A 138 0.40 19.15 -17.15
C LYS A 138 -0.52 19.90 -18.12
N GLU A 139 -1.82 19.78 -17.91
CA GLU A 139 -2.79 20.49 -18.73
C GLU A 139 -2.74 22.00 -18.49
N GLN A 140 -2.67 22.38 -17.22
CA GLN A 140 -2.74 23.80 -16.85
C GLN A 140 -1.52 24.58 -17.33
N ILE A 141 -0.34 23.99 -17.17
CA ILE A 141 0.89 24.60 -17.66
C ILE A 141 0.81 24.84 -19.16
N SER A 142 0.32 23.85 -19.89
CA SER A 142 0.10 23.96 -21.33
C SER A 142 -0.84 25.11 -21.69
N ARG A 143 -1.90 25.26 -20.91
CA ARG A 143 -2.91 26.30 -21.16
C ARG A 143 -2.34 27.69 -20.93
N ASN A 144 -1.47 27.82 -19.93
CA ASN A 144 -0.88 29.11 -19.61
C ASN A 144 0.18 29.53 -20.63
N SER A 145 0.98 28.57 -21.09
CA SER A 145 2.02 28.83 -22.08
C SER A 145 1.44 29.43 -23.36
N LYS A 146 0.30 28.89 -23.79
CA LYS A 146 -0.43 29.43 -24.93
C LYS A 146 -0.82 30.88 -24.68
N ALA A 147 -1.19 31.17 -23.44
CA ALA A 147 -1.66 32.49 -23.06
C ALA A 147 -0.51 33.38 -22.56
N LEU A 148 0.71 32.86 -22.62
CA LEU A 148 1.89 33.63 -22.24
C LEU A 148 2.77 33.93 -23.44
N GLU A 149 2.23 33.72 -24.64
CA GLU A 149 2.99 33.89 -25.88
C GLU A 149 3.53 35.31 -26.04
N GLU A 150 2.67 36.28 -25.78
CA GLU A 150 3.06 37.68 -25.94
C GLU A 150 3.23 38.39 -24.60
N LYS A 151 2.73 37.78 -23.53
CA LYS A 151 2.73 38.42 -22.22
C LYS A 151 3.63 37.71 -21.22
N TYR A 152 4.19 38.50 -20.29
CA TYR A 152 4.92 37.97 -19.15
C TYR A 152 3.93 37.43 -18.12
N VAL A 153 4.43 36.74 -17.10
CA VAL A 153 3.56 36.13 -16.08
C VAL A 153 2.83 37.17 -15.26
N ALA A 154 3.57 38.16 -14.77
CA ALA A 154 2.99 39.25 -13.97
C ALA A 154 1.90 39.97 -14.74
N GLU A 155 2.12 40.15 -16.04
CA GLU A 155 1.13 40.78 -16.91
C GLU A 155 -0.17 39.97 -16.89
N LEU A 156 -0.06 38.69 -17.23
CA LEU A 156 -1.21 37.80 -17.31
C LEU A 156 -1.98 37.75 -15.99
N GLN A 157 -1.27 37.67 -14.88
CA GLN A 157 -1.90 37.62 -13.57
C GLN A 157 -2.67 38.90 -13.26
N LEU A 158 -2.09 40.03 -13.61
CA LEU A 158 -2.72 41.33 -13.39
C LEU A 158 -4.02 41.46 -14.17
N GLU A 159 -4.02 40.93 -15.39
CA GLU A 159 -5.21 40.96 -16.23
C GLU A 159 -6.30 40.11 -15.60
N ARG A 160 -5.94 38.91 -15.18
CA ARG A 160 -6.87 38.04 -14.47
C ARG A 160 -7.40 38.72 -13.20
N LEU A 161 -6.53 39.46 -12.52
CA LEU A 161 -6.93 40.16 -11.30
C LEU A 161 -7.98 41.23 -11.59
N LYS A 162 -7.73 42.03 -12.63
CA LYS A 162 -8.68 43.07 -13.00
C LYS A 162 -9.94 42.48 -13.64
N LYS A 163 -9.76 41.52 -14.53
CA LYS A 163 -10.88 40.97 -15.29
C LYS A 163 -11.76 40.02 -14.47
N ASP A 164 -11.15 39.20 -13.63
CA ASP A 164 -11.89 38.17 -12.91
C ASP A 164 -11.99 38.43 -11.41
N GLY A 165 -11.10 39.28 -10.89
CA GLY A 165 -11.13 39.63 -9.48
C GLY A 165 -10.19 38.82 -8.60
N GLU A 166 -9.60 37.77 -9.17
CA GLU A 166 -8.74 36.88 -8.42
C GLU A 166 -7.54 36.39 -9.23
N VAL A 167 -6.48 35.99 -8.53
CA VAL A 167 -5.29 35.46 -9.16
C VAL A 167 -5.03 34.03 -8.71
N ARG A 168 -5.16 33.80 -7.41
CA ARG A 168 -4.85 32.51 -6.80
C ARG A 168 -5.83 31.41 -7.21
N GLY A 169 -5.37 30.15 -7.12
CA GLY A 169 -6.21 29.02 -7.47
C GLY A 169 -5.51 27.98 -8.33
N SER A 170 -6.30 27.21 -9.08
CA SER A 170 -5.77 26.16 -9.93
C SER A 170 -5.02 26.73 -11.13
N ILE A 171 -5.45 27.90 -11.58
CA ILE A 171 -4.87 28.55 -12.76
C ILE A 171 -3.48 29.09 -12.50
N ASN A 172 -3.19 29.42 -11.25
CA ASN A 172 -1.94 30.11 -10.90
C ASN A 172 -0.72 29.19 -10.91
N ARG A 173 -0.70 28.22 -11.82
CA ARG A 173 0.43 27.34 -11.99
C ARG A 173 1.23 27.72 -13.22
N PHE A 174 2.53 27.96 -13.04
CA PHE A 174 3.39 28.38 -14.14
C PHE A 174 4.71 27.63 -14.12
N LYS A 175 5.43 27.67 -15.24
CA LYS A 175 6.79 27.15 -15.29
C LYS A 175 7.69 28.11 -14.52
N THR A 176 8.75 27.59 -13.90
CA THR A 176 9.73 28.42 -13.24
C THR A 176 10.45 29.32 -14.25
N SER A 177 10.71 28.78 -15.44
CA SER A 177 11.38 29.52 -16.50
C SER A 177 10.61 30.77 -16.88
N ASP A 178 9.28 30.70 -16.84
CA ASP A 178 8.44 31.84 -17.17
C ASP A 178 8.57 32.94 -16.13
N TYR A 179 8.75 32.54 -14.87
CA TYR A 179 9.01 33.50 -13.80
C TYR A 179 10.39 34.11 -13.95
N VAL A 180 11.38 33.27 -14.19
CA VAL A 180 12.76 33.70 -14.40
C VAL A 180 12.86 34.64 -15.60
N LYS A 181 12.18 34.29 -16.69
CA LYS A 181 12.15 35.14 -17.87
C LYS A 181 11.59 36.51 -17.55
N GLU A 182 10.53 36.54 -16.73
CA GLU A 182 9.94 37.81 -16.32
C GLU A 182 10.85 38.56 -15.37
N ALA A 183 11.47 37.81 -14.45
CA ALA A 183 12.40 38.39 -13.49
C ALA A 183 13.58 39.06 -14.21
N LYS A 184 14.15 38.35 -15.17
CA LYS A 184 15.26 38.86 -15.97
C LYS A 184 14.91 40.19 -16.65
N GLN A 185 13.74 40.26 -17.27
CA GLN A 185 13.28 41.46 -17.94
C GLN A 185 13.12 42.61 -16.95
N LEU A 186 12.55 42.29 -15.80
CA LEU A 186 12.34 43.26 -14.74
C LEU A 186 13.67 43.81 -14.23
N LEU A 187 14.62 42.91 -13.99
CA LEU A 187 15.95 43.30 -13.53
C LEU A 187 16.68 44.14 -14.59
N LYS A 188 16.44 43.84 -15.86
CA LYS A 188 17.10 44.55 -16.96
C LYS A 188 16.65 46.01 -17.03
N VAL A 189 15.38 46.24 -16.72
CA VAL A 189 14.79 47.57 -16.73
C VAL A 189 15.13 48.35 -15.46
N GLN A 190 15.12 47.66 -14.33
CA GLN A 190 15.43 48.29 -13.04
C GLN A 190 16.94 48.40 -12.82
N LYS A 191 17.71 47.89 -13.78
CA LYS A 191 19.17 47.91 -13.67
C LYS A 191 19.74 49.32 -13.66
N ALA A 192 19.10 50.21 -14.41
CA ALA A 192 19.62 51.57 -14.60
C ALA A 192 19.31 52.47 -13.41
N TYR A 193 18.25 52.16 -12.68
CA TYR A 193 17.73 53.07 -11.67
C TYR A 193 18.24 52.75 -10.27
N HIS A 194 18.86 51.60 -10.10
CA HIS A 194 19.40 51.18 -8.81
C HIS A 194 20.83 50.66 -8.98
N GLN A 195 21.69 50.95 -8.01
CA GLN A 195 23.09 50.54 -8.10
C GLN A 195 23.28 49.07 -7.79
N LEU A 196 23.25 48.25 -8.84
CA LEU A 196 23.42 46.81 -8.69
C LEU A 196 24.49 46.27 -9.63
N ASP A 197 25.27 45.32 -9.13
CA ASP A 197 26.29 44.67 -9.94
C ASP A 197 25.70 43.40 -10.56
N GLN A 198 26.52 42.70 -11.35
CA GLN A 198 26.07 41.48 -11.98
C GLN A 198 25.95 40.34 -10.97
N SER A 199 26.64 40.50 -9.84
CA SER A 199 26.59 39.52 -8.76
C SER A 199 25.19 39.50 -8.14
N PHE A 200 24.57 40.67 -8.07
CA PHE A 200 23.21 40.81 -7.55
C PHE A 200 22.21 40.06 -8.42
N ILE A 201 22.20 40.36 -9.71
CA ILE A 201 21.22 39.77 -10.63
C ILE A 201 21.45 38.26 -10.80
N ASP A 202 22.70 37.82 -10.64
CA ASP A 202 23.02 36.40 -10.70
C ASP A 202 22.50 35.68 -9.45
N THR A 203 22.81 36.24 -8.29
CA THR A 203 22.42 35.66 -7.00
C THR A 203 20.89 35.51 -6.87
N TYR A 204 20.16 36.54 -7.27
CA TYR A 204 18.70 36.51 -7.17
C TYR A 204 18.09 35.44 -8.08
N ILE A 205 18.46 35.47 -9.35
CA ILE A 205 17.94 34.49 -10.31
C ILE A 205 18.24 33.08 -9.83
N ASP A 206 19.46 32.87 -9.35
CA ASP A 206 19.83 31.60 -8.73
C ASP A 206 18.86 31.25 -7.61
N LEU A 207 18.74 32.14 -6.62
CA LEU A 207 17.84 31.95 -5.49
C LEU A 207 16.40 31.66 -5.92
N LEU A 208 15.97 32.31 -7.00
CA LEU A 208 14.60 32.17 -7.49
C LEU A 208 14.34 30.80 -8.11
N GLU A 209 15.31 30.30 -8.88
CA GLU A 209 15.12 29.09 -9.66
C GLU A 209 15.67 27.82 -8.99
N THR A 210 16.68 27.98 -8.14
CA THR A 210 17.39 26.84 -7.56
C THR A 210 16.56 26.02 -6.59
N ARG A 211 16.57 24.71 -6.78
CA ARG A 211 15.98 23.77 -5.84
C ARG A 211 16.87 22.53 -5.79
N ARG A 212 16.78 21.76 -4.72
CA ARG A 212 17.60 20.57 -4.56
C ARG A 212 17.14 19.45 -5.49
N THR A 213 18.06 18.55 -5.83
CA THR A 213 17.73 17.42 -6.69
C THR A 213 17.46 16.18 -5.85
N TYR A 214 16.93 15.14 -6.48
CA TYR A 214 16.61 13.92 -5.75
C TYR A 214 17.87 13.23 -5.25
N TYR A 215 18.99 13.46 -5.94
CA TYR A 215 20.26 12.84 -5.57
C TYR A 215 21.08 13.72 -4.63
N GLU A 216 20.67 14.98 -4.47
CA GLU A 216 21.34 15.89 -3.55
C GLU A 216 20.80 15.74 -2.13
N GLY A 217 19.50 15.50 -2.03
CA GLY A 217 18.86 15.26 -0.74
C GLY A 217 18.88 16.44 0.20
N PRO A 218 18.61 16.19 1.49
CA PRO A 218 18.56 17.23 2.52
C PRO A 218 19.94 17.71 2.94
N GLY A 219 19.97 18.75 3.77
CA GLY A 219 21.22 19.38 4.19
C GLY A 219 22.09 18.53 5.10
N GLU A 220 23.04 19.18 5.75
CA GLU A 220 24.12 18.47 6.45
C GLU A 220 23.67 17.67 7.68
N GLY A 221 22.68 18.18 8.39
CA GLY A 221 22.26 17.57 9.65
C GLY A 221 21.41 16.31 9.54
N SER A 222 20.60 16.22 8.49
CA SER A 222 19.59 15.17 8.36
C SER A 222 20.09 13.73 8.52
N PRO A 223 19.33 12.90 9.24
CA PRO A 223 19.52 11.44 9.32
C PRO A 223 18.97 10.75 8.08
N PHE A 224 18.35 11.51 7.19
CA PHE A 224 17.83 10.97 5.93
C PHE A 224 18.77 11.28 4.78
N GLY A 225 19.82 12.04 5.06
CA GLY A 225 20.71 12.53 4.02
C GLY A 225 21.97 11.72 3.83
N TRP A 226 22.86 12.23 2.98
CA TRP A 226 24.11 11.57 2.64
C TRP A 226 25.18 12.60 2.34
N LYS A 227 26.45 12.20 2.41
CA LYS A 227 27.56 13.15 2.23
C LYS A 227 27.78 13.50 0.75
N ASP A 228 27.64 12.50 -0.12
CA ASP A 228 27.83 12.72 -1.55
C ASP A 228 27.05 11.72 -2.40
N ILE A 229 27.14 11.89 -3.72
CA ILE A 229 26.42 11.06 -4.67
C ILE A 229 26.87 9.60 -4.59
N LYS A 230 28.16 9.38 -4.37
CA LYS A 230 28.72 8.04 -4.24
C LYS A 230 28.15 7.28 -3.05
N GLU A 231 28.19 7.90 -1.87
CA GLU A 231 27.62 7.29 -0.67
C GLU A 231 26.12 7.05 -0.85
N TRP A 232 25.46 7.98 -1.52
CA TRP A 232 24.04 7.89 -1.80
C TRP A 232 23.69 6.66 -2.61
N TYR A 233 24.45 6.41 -3.67
CA TYR A 233 24.15 5.29 -4.57
C TYR A 233 24.55 3.96 -3.95
N GLU A 234 25.69 3.95 -3.23
CA GLU A 234 26.18 2.71 -2.63
C GLU A 234 25.26 2.21 -1.52
N MET A 235 24.58 3.12 -0.85
CA MET A 235 23.61 2.73 0.18
C MET A 235 22.40 2.06 -0.45
N LEU A 236 21.94 2.59 -1.57
CA LEU A 236 20.74 2.09 -2.23
C LEU A 236 20.97 0.77 -2.96
N MET A 237 22.07 0.69 -3.70
CA MET A 237 22.34 -0.49 -4.54
C MET A 237 22.50 -1.75 -3.71
N GLY A 238 22.17 -2.88 -4.30
CA GLY A 238 22.24 -4.16 -3.61
C GLY A 238 23.63 -4.77 -3.63
N HIS A 239 23.74 -5.98 -3.10
CA HIS A 239 25.02 -6.68 -3.05
C HIS A 239 25.01 -7.94 -3.90
N CYS A 240 26.19 -8.43 -4.23
CA CYS A 240 26.34 -9.60 -5.11
C CYS A 240 25.76 -10.86 -4.48
N THR A 241 25.20 -11.72 -5.34
CA THR A 241 24.61 -12.97 -4.90
C THR A 241 25.65 -13.91 -4.31
N TYR A 242 26.84 -13.93 -4.89
CA TYR A 242 27.88 -14.88 -4.49
C TYR A 242 28.95 -14.25 -3.61
N PHE A 243 29.06 -12.93 -3.65
CA PHE A 243 29.94 -12.18 -2.76
C PHE A 243 29.18 -11.08 -2.06
N PRO A 244 28.56 -11.41 -0.91
CA PRO A 244 27.72 -10.52 -0.11
C PRO A 244 28.41 -9.22 0.28
N GLU A 245 29.72 -9.28 0.54
CA GLU A 245 30.49 -8.10 0.92
C GLU A 245 30.73 -7.17 -0.27
N GLU A 246 30.61 -7.71 -1.48
CA GLU A 246 30.86 -6.94 -2.70
C GLU A 246 29.59 -6.29 -3.23
N LEU A 247 29.68 -5.01 -3.57
CA LEU A 247 28.56 -4.30 -4.17
C LEU A 247 28.33 -4.79 -5.58
N ARG A 248 27.08 -4.79 -6.01
CA ARG A 248 26.72 -5.23 -7.35
C ARG A 248 27.43 -4.38 -8.40
N SER A 249 27.67 -4.95 -9.57
CA SER A 249 28.19 -4.17 -10.68
C SER A 249 27.09 -3.30 -11.26
N VAL A 250 27.47 -2.20 -11.87
CA VAL A 250 26.54 -1.40 -12.68
C VAL A 250 26.02 -2.27 -13.80
N LYS A 251 24.71 -2.19 -14.05
CA LYS A 251 24.04 -3.06 -15.00
C LYS A 251 24.69 -3.12 -16.37
N TYR A 252 25.23 -1.99 -16.83
CA TYR A 252 25.77 -1.94 -18.18
C TYR A 252 27.28 -1.66 -18.22
N ALA A 253 28.01 -2.23 -17.26
CA ALA A 253 29.46 -2.26 -17.34
C ALA A 253 29.85 -3.12 -18.53
N TYR A 254 30.99 -2.86 -19.15
CA TYR A 254 31.40 -3.61 -20.33
C TYR A 254 31.55 -5.09 -20.03
N ASN A 255 32.32 -5.40 -18.98
CA ASN A 255 32.55 -6.79 -18.59
C ASN A 255 31.25 -7.47 -18.16
N ALA A 256 30.29 -6.69 -17.68
CA ALA A 256 29.00 -7.21 -17.27
C ALA A 256 28.21 -7.71 -18.48
N ASP A 257 28.20 -6.92 -19.55
CA ASP A 257 27.50 -7.31 -20.76
C ASP A 257 28.24 -8.41 -21.51
N LEU A 258 29.58 -8.38 -21.45
CA LEU A 258 30.39 -9.45 -22.03
C LEU A 258 30.04 -10.77 -21.36
N TYR A 259 29.90 -10.71 -20.04
CA TYR A 259 29.45 -11.84 -19.24
C TYR A 259 28.09 -12.34 -19.72
N ASN A 260 27.18 -11.40 -19.99
CA ASN A 260 25.86 -11.74 -20.49
C ASN A 260 25.92 -12.40 -21.86
N ALA A 261 26.76 -11.85 -22.74
CA ALA A 261 26.87 -12.36 -24.11
C ALA A 261 27.50 -13.75 -24.13
N LEU A 262 28.51 -13.96 -23.30
CA LEU A 262 29.20 -15.25 -23.24
C LEU A 262 28.28 -16.34 -22.72
N ASN A 263 27.40 -15.99 -21.77
CA ASN A 263 26.43 -16.95 -21.27
C ASN A 263 25.43 -17.37 -22.35
N ASP A 264 25.10 -16.44 -23.23
CA ASP A 264 24.21 -16.72 -24.36
C ASP A 264 24.85 -17.74 -25.30
N LEU A 265 26.12 -17.51 -25.63
CA LEU A 265 26.82 -18.37 -26.57
C LEU A 265 27.10 -19.74 -25.97
N ASN A 266 27.35 -19.79 -24.67
CA ASN A 266 27.62 -21.05 -23.99
C ASN A 266 26.36 -21.86 -23.74
N ASN A 267 25.20 -21.22 -23.91
CA ASN A 267 23.93 -21.91 -23.77
C ASN A 267 23.42 -22.42 -25.11
N LEU A 268 24.12 -22.06 -26.18
CA LEU A 268 23.73 -22.48 -27.52
C LEU A 268 24.11 -23.93 -27.79
N VAL A 269 23.31 -24.59 -28.61
CA VAL A 269 23.63 -25.93 -29.12
C VAL A 269 23.56 -25.94 -30.63
N ILE A 270 24.67 -26.26 -31.28
CA ILE A 270 24.73 -26.26 -32.73
C ILE A 270 24.78 -27.69 -33.27
N THR A 271 23.84 -28.02 -34.14
CA THR A 271 23.84 -29.35 -34.75
C THR A 271 24.75 -29.35 -35.99
N ARG A 272 25.89 -30.02 -35.86
CA ARG A 272 26.86 -30.10 -36.95
C ARG A 272 27.77 -31.30 -36.75
N ASP A 273 28.65 -31.54 -37.72
CA ASP A 273 29.59 -32.65 -37.63
C ASP A 273 30.61 -32.41 -36.52
N GLU A 274 31.05 -31.17 -36.37
CA GLU A 274 31.96 -30.85 -35.27
C GLU A 274 31.16 -30.63 -33.98
N ASN A 275 31.81 -30.13 -32.94
CA ASN A 275 31.22 -30.01 -31.61
C ASN A 275 29.92 -29.21 -31.60
N GLU A 276 29.00 -29.58 -30.72
CA GLU A 276 27.70 -28.92 -30.62
C GLU A 276 27.77 -27.65 -29.79
N LYS A 277 28.85 -27.52 -29.01
CA LYS A 277 29.08 -26.33 -28.23
C LYS A 277 30.19 -25.49 -28.87
N LEU A 278 30.02 -24.18 -28.83
CA LEU A 278 30.94 -23.25 -29.48
C LEU A 278 32.33 -23.28 -28.83
N GLU A 279 33.35 -23.51 -29.66
CA GLU A 279 34.74 -23.44 -29.21
C GLU A 279 35.08 -22.01 -28.82
N TYR A 280 36.22 -21.82 -28.15
CA TYR A 280 36.64 -20.48 -27.75
C TYR A 280 36.84 -19.57 -28.94
N TYR A 281 37.65 -20.01 -29.91
CA TYR A 281 37.98 -19.21 -31.08
C TYR A 281 36.72 -18.80 -31.83
N GLU A 282 35.70 -19.65 -31.77
CA GLU A 282 34.42 -19.35 -32.39
C GLU A 282 33.75 -18.20 -31.66
N LYS A 283 33.67 -18.32 -30.34
CA LYS A 283 33.07 -17.28 -29.51
C LYS A 283 33.83 -15.95 -29.64
N PHE A 284 35.16 -16.03 -29.76
CA PHE A 284 35.97 -14.84 -29.99
C PHE A 284 35.55 -14.17 -31.29
N GLN A 285 35.46 -14.96 -32.36
CA GLN A 285 35.06 -14.45 -33.66
C GLN A 285 33.64 -13.88 -33.62
N ILE A 286 32.76 -14.53 -32.86
CA ILE A 286 31.39 -14.07 -32.74
C ILE A 286 31.32 -12.72 -32.03
N ILE A 287 32.03 -12.60 -30.90
CA ILE A 287 32.08 -11.34 -30.15
C ILE A 287 32.59 -10.19 -31.01
N GLU A 288 33.64 -10.45 -31.78
CA GLU A 288 34.30 -9.41 -32.57
C GLU A 288 33.54 -9.07 -33.86
N ASN A 289 32.99 -10.08 -34.53
CA ASN A 289 32.42 -9.88 -35.85
C ASN A 289 30.92 -9.58 -35.91
N VAL A 290 30.18 -9.91 -34.86
CA VAL A 290 28.75 -9.58 -34.86
C VAL A 290 28.32 -8.83 -33.60
N PHE A 291 28.93 -9.13 -32.46
CA PHE A 291 28.53 -8.48 -31.22
C PHE A 291 29.14 -7.10 -31.06
N LYS A 292 30.40 -6.96 -31.45
CA LYS A 292 31.08 -5.67 -31.42
C LYS A 292 30.87 -4.92 -32.71
N GLN A 293 30.13 -5.53 -33.64
CA GLN A 293 29.92 -4.93 -34.94
C GLN A 293 28.48 -4.48 -35.13
N LYS A 294 27.54 -5.26 -34.61
CA LYS A 294 26.13 -4.90 -34.71
C LYS A 294 25.56 -4.63 -33.32
N LYS A 295 24.74 -3.59 -33.21
CA LYS A 295 24.19 -3.19 -31.91
C LYS A 295 23.30 -4.30 -31.35
N LYS A 296 22.30 -4.71 -32.12
CA LYS A 296 21.44 -5.82 -31.71
C LYS A 296 21.67 -7.06 -32.59
N PRO A 297 22.53 -7.98 -32.11
CA PRO A 297 22.91 -9.19 -32.86
C PRO A 297 21.70 -10.06 -33.21
N THR A 298 21.62 -10.50 -34.46
CA THR A 298 20.53 -11.38 -34.89
C THR A 298 21.05 -12.81 -35.04
N LEU A 299 20.12 -13.76 -35.08
CA LEU A 299 20.48 -15.17 -35.21
C LEU A 299 21.23 -15.45 -36.51
N LYS A 300 20.85 -14.75 -37.57
CA LYS A 300 21.48 -14.91 -38.87
C LYS A 300 22.97 -14.57 -38.85
N GLN A 301 23.30 -13.47 -38.18
CA GLN A 301 24.67 -12.98 -38.14
C GLN A 301 25.61 -13.96 -37.45
N ILE A 302 25.15 -14.56 -36.36
CA ILE A 302 25.94 -15.57 -35.65
C ILE A 302 26.07 -16.83 -36.50
N ALA A 303 25.00 -17.15 -37.23
CA ALA A 303 24.98 -18.31 -38.10
C ALA A 303 25.93 -18.11 -39.28
N LYS A 304 25.91 -16.92 -39.87
CA LYS A 304 26.78 -16.60 -40.99
C LYS A 304 28.25 -16.62 -40.56
N GLU A 305 28.50 -16.22 -39.32
CA GLU A 305 29.86 -16.17 -38.79
C GLU A 305 30.41 -17.57 -38.57
N ILE A 306 29.55 -18.51 -38.18
CA ILE A 306 29.98 -19.85 -37.80
C ILE A 306 29.73 -20.85 -38.93
N LEU A 307 29.22 -20.33 -40.05
CA LEU A 307 29.02 -21.08 -41.30
C LEU A 307 28.07 -22.27 -41.16
N VAL A 308 26.99 -22.09 -40.43
CA VAL A 308 25.89 -23.03 -40.41
C VAL A 308 24.60 -22.27 -40.68
N ASN A 309 23.50 -22.98 -40.85
CA ASN A 309 22.20 -22.33 -40.96
C ASN A 309 21.58 -22.11 -39.58
N GLU A 310 20.58 -21.24 -39.52
CA GLU A 310 19.92 -20.90 -38.26
C GLU A 310 19.24 -22.10 -37.62
N GLU A 311 18.66 -22.98 -38.44
CA GLU A 311 17.91 -24.12 -37.96
C GLU A 311 18.79 -25.07 -37.14
N ASP A 312 20.09 -25.01 -37.40
CA ASP A 312 21.07 -25.83 -36.69
C ASP A 312 21.40 -25.24 -35.32
N ILE A 313 20.92 -24.02 -35.08
CA ILE A 313 21.20 -23.32 -33.83
C ILE A 313 19.97 -23.28 -32.94
N LYS A 314 20.09 -23.87 -31.75
CA LYS A 314 18.99 -23.91 -30.79
C LYS A 314 19.47 -23.48 -29.41
N GLY A 315 18.53 -23.24 -28.49
CA GLY A 315 18.87 -22.93 -27.12
C GLY A 315 19.20 -21.47 -26.83
N TYR A 316 18.63 -20.58 -27.64
CA TYR A 316 18.86 -19.15 -27.46
C TYR A 316 17.65 -18.47 -26.83
N ARG A 317 17.91 -17.44 -26.02
CA ARG A 317 16.83 -16.63 -25.44
C ARG A 317 15.97 -16.05 -26.55
N VAL A 318 14.69 -15.88 -26.26
CA VAL A 318 13.75 -15.48 -27.30
C VAL A 318 12.73 -14.48 -26.75
N THR A 319 12.28 -13.57 -27.61
CA THR A 319 11.30 -12.57 -27.22
C THR A 319 9.88 -13.13 -27.37
N SER A 320 8.90 -12.37 -26.93
CA SER A 320 7.50 -12.79 -27.00
C SER A 320 7.01 -12.97 -28.43
N THR A 321 7.64 -12.28 -29.37
CA THR A 321 7.31 -12.41 -30.78
C THR A 321 7.80 -13.75 -31.33
N GLY A 322 8.85 -14.29 -30.70
CA GLY A 322 9.48 -15.50 -31.16
C GLY A 322 10.81 -15.19 -31.82
N LYS A 323 11.19 -13.92 -31.78
CA LYS A 323 12.45 -13.45 -32.34
C LYS A 323 13.58 -13.63 -31.34
N PRO A 324 14.73 -14.14 -31.79
CA PRO A 324 15.90 -14.36 -30.93
C PRO A 324 16.39 -13.08 -30.24
N GLU A 325 16.71 -13.18 -28.95
CA GLU A 325 17.28 -12.06 -28.22
C GLU A 325 18.72 -12.36 -27.85
N PHE A 326 19.64 -11.46 -28.21
CA PHE A 326 21.04 -11.63 -27.86
C PHE A 326 21.56 -10.39 -27.15
N THR A 327 22.46 -10.60 -26.19
CA THR A 327 22.98 -9.52 -25.35
C THR A 327 23.53 -8.36 -26.15
N ASN A 328 23.08 -7.15 -25.80
CA ASN A 328 23.54 -5.92 -26.45
C ASN A 328 24.70 -5.31 -25.67
N LEU A 329 25.83 -5.10 -26.34
CA LEU A 329 26.99 -4.48 -25.69
C LEU A 329 26.80 -2.97 -25.65
N LYS A 330 26.08 -2.49 -24.64
CA LYS A 330 25.62 -1.11 -24.60
C LYS A 330 26.76 -0.09 -24.58
N VAL A 331 27.63 -0.18 -23.58
CA VAL A 331 28.75 0.74 -23.47
C VAL A 331 29.65 0.74 -24.70
N TYR A 332 29.96 -0.46 -25.20
CA TYR A 332 30.83 -0.59 -26.35
C TYR A 332 30.29 0.23 -27.51
N HIS A 333 29.02 0.04 -27.84
CA HIS A 333 28.41 0.74 -28.97
C HIS A 333 28.11 2.22 -28.68
N ASP A 334 27.74 2.53 -27.45
CA ASP A 334 27.49 3.92 -27.07
C ASP A 334 28.76 4.76 -27.22
N ILE A 335 29.90 4.18 -26.85
CA ILE A 335 31.18 4.87 -26.96
C ILE A 335 31.71 4.81 -28.39
N LYS A 336 31.51 3.66 -29.04
CA LYS A 336 31.95 3.47 -30.43
C LYS A 336 31.35 4.51 -31.37
N ASP A 337 30.09 4.86 -31.14
CA ASP A 337 29.37 5.79 -32.00
C ASP A 337 30.00 7.19 -31.98
N ILE A 338 30.55 7.58 -30.83
CA ILE A 338 31.16 8.91 -30.71
C ILE A 338 32.67 8.85 -30.95
N THR A 339 33.26 7.68 -30.73
CA THR A 339 34.71 7.51 -30.85
C THR A 339 35.10 6.08 -31.23
N ALA A 340 35.90 5.94 -32.28
CA ALA A 340 36.31 4.61 -32.73
C ALA A 340 37.78 4.33 -32.41
N ARG A 341 38.41 5.22 -31.66
CA ARG A 341 39.81 5.05 -31.27
C ARG A 341 40.04 3.76 -30.50
N LYS A 342 41.05 3.00 -30.92
CA LYS A 342 41.41 1.74 -30.28
C LYS A 342 41.86 1.99 -28.84
N GLU A 343 42.40 3.17 -28.58
CA GLU A 343 42.85 3.55 -27.25
C GLU A 343 41.72 3.48 -26.22
N ILE A 344 40.51 3.80 -26.65
CA ILE A 344 39.36 3.82 -25.75
C ILE A 344 38.56 2.52 -25.82
N ILE A 345 38.08 2.21 -27.01
CA ILE A 345 37.22 1.05 -27.29
C ILE A 345 37.79 -0.28 -26.83
N GLU A 346 39.09 -0.50 -27.03
CA GLU A 346 39.70 -1.78 -26.69
C GLU A 346 40.17 -1.81 -25.24
N ASN A 347 39.77 -0.79 -24.49
CA ASN A 347 40.09 -0.72 -23.06
C ASN A 347 38.87 -1.10 -22.22
N ALA A 348 38.82 -2.36 -21.80
CA ALA A 348 37.69 -2.87 -21.05
C ALA A 348 37.54 -2.18 -19.70
N GLU A 349 38.67 -1.96 -19.02
CA GLU A 349 38.66 -1.30 -17.72
C GLU A 349 38.07 0.10 -17.81
N LEU A 350 38.47 0.85 -18.83
CA LEU A 350 37.97 2.21 -19.03
C LEU A 350 36.48 2.20 -19.31
N LEU A 351 36.05 1.28 -20.18
CA LEU A 351 34.63 1.15 -20.52
C LEU A 351 33.80 0.77 -19.30
N ASP A 352 34.41 0.03 -18.37
CA ASP A 352 33.76 -0.31 -17.12
C ASP A 352 33.58 0.93 -16.26
N GLN A 353 34.62 1.75 -16.19
CA GLN A 353 34.62 2.94 -15.35
C GLN A 353 33.69 4.03 -15.90
N ILE A 354 33.59 4.11 -17.21
CA ILE A 354 32.68 5.06 -17.84
C ILE A 354 31.23 4.69 -17.54
N ALA A 355 30.94 3.38 -17.59
CA ALA A 355 29.61 2.88 -17.31
C ALA A 355 29.18 3.15 -15.88
N LYS A 356 30.10 2.95 -14.94
CA LYS A 356 29.82 3.18 -13.53
C LYS A 356 29.53 4.65 -13.28
N ILE A 357 30.35 5.53 -13.84
CA ILE A 357 30.17 6.98 -13.69
C ILE A 357 28.84 7.43 -14.28
N LEU A 358 28.54 6.93 -15.49
CA LEU A 358 27.30 7.25 -16.17
C LEU A 358 26.07 6.85 -15.38
N THR A 359 26.18 5.79 -14.59
CA THR A 359 25.04 5.25 -13.86
C THR A 359 24.91 5.87 -12.48
N ILE A 360 26.03 5.97 -11.77
CA ILE A 360 26.03 6.50 -10.41
C ILE A 360 25.59 7.97 -10.35
N TYR A 361 26.18 8.79 -11.21
CA TYR A 361 25.88 10.23 -11.21
C TYR A 361 24.70 10.50 -12.14
N GLN A 362 23.99 11.61 -11.91
CA GLN A 362 22.66 11.77 -12.50
C GLN A 362 22.49 12.98 -13.41
N SER A 363 23.55 13.74 -13.65
CA SER A 363 23.48 14.87 -14.56
C SER A 363 24.75 15.04 -15.37
N SER A 364 24.60 15.52 -16.60
CA SER A 364 25.71 15.68 -17.55
C SER A 364 26.93 16.36 -16.95
N GLU A 365 26.70 17.42 -16.19
CA GLU A 365 27.79 18.20 -15.61
C GLU A 365 28.63 17.39 -14.63
N ASP A 366 27.97 16.67 -13.72
CA ASP A 366 28.69 15.83 -12.77
C ASP A 366 29.40 14.69 -13.50
N ILE A 367 28.78 14.20 -14.58
CA ILE A 367 29.39 13.14 -15.40
C ILE A 367 30.71 13.63 -15.99
N GLN A 368 30.68 14.81 -16.60
CA GLN A 368 31.87 15.42 -17.21
C GLN A 368 33.03 15.55 -16.23
N GLU A 369 32.74 16.12 -15.07
CA GLU A 369 33.75 16.32 -14.03
C GLU A 369 34.34 15.00 -13.58
N GLU A 370 33.48 14.02 -13.33
CA GLU A 370 33.94 12.73 -12.85
C GLU A 370 34.67 11.97 -13.96
N LEU A 371 34.24 12.18 -15.21
CA LEU A 371 34.93 11.59 -16.35
C LEU A 371 36.30 12.24 -16.55
N THR A 372 36.37 13.54 -16.30
CA THR A 372 37.62 14.28 -16.43
C THR A 372 38.61 13.81 -15.36
N ASN A 373 38.11 13.49 -14.18
CA ASN A 373 38.95 13.04 -13.08
C ASN A 373 39.62 11.69 -13.34
N LEU A 374 39.13 10.98 -14.36
CA LEU A 374 39.66 9.67 -14.72
C LEU A 374 41.11 9.75 -15.21
N ASN A 375 41.48 10.89 -15.76
CA ASN A 375 42.78 11.07 -16.42
C ASN A 375 43.01 10.00 -17.47
N SER A 376 41.98 9.74 -18.28
CA SER A 376 42.05 8.78 -19.37
C SER A 376 42.60 9.44 -20.63
N GLU A 377 42.61 8.70 -21.73
CA GLU A 377 42.98 9.27 -23.02
C GLU A 377 41.76 9.84 -23.73
N LEU A 378 40.72 10.16 -22.96
CA LEU A 378 39.50 10.72 -23.53
C LEU A 378 39.65 12.21 -23.86
N THR A 379 39.27 12.57 -25.08
CA THR A 379 39.18 13.97 -25.48
C THR A 379 38.02 14.61 -24.73
N GLN A 380 38.19 15.88 -24.34
CA GLN A 380 37.15 16.60 -23.61
C GLN A 380 35.87 16.68 -24.43
N GLU A 381 36.03 16.81 -25.74
CA GLU A 381 34.90 16.85 -26.67
C GLU A 381 34.14 15.53 -26.64
N GLU A 382 34.87 14.44 -26.41
CA GLU A 382 34.27 13.12 -26.26
C GLU A 382 33.52 13.02 -24.93
N ILE A 383 34.18 13.46 -23.87
CA ILE A 383 33.61 13.44 -22.52
C ILE A 383 32.26 14.16 -22.47
N GLU A 384 32.19 15.34 -23.07
CA GLU A 384 30.94 16.10 -23.11
C GLU A 384 29.86 15.32 -23.86
N GLN A 385 30.27 14.62 -24.91
CA GLN A 385 29.35 13.84 -25.73
C GLN A 385 28.85 12.61 -24.97
N ILE A 386 29.76 11.97 -24.23
CA ILE A 386 29.43 10.79 -23.44
C ILE A 386 28.44 11.13 -22.33
N SER A 387 28.53 12.34 -21.79
CA SER A 387 27.71 12.74 -20.65
C SER A 387 26.23 12.85 -20.99
N ASN A 388 25.89 12.84 -22.27
CA ASN A 388 24.50 12.93 -22.69
C ASN A 388 23.92 11.57 -23.07
N LEU A 389 24.68 10.51 -22.80
CA LEU A 389 24.22 9.15 -23.08
C LEU A 389 23.06 8.78 -22.17
N LYS A 390 22.05 8.12 -22.73
CA LYS A 390 20.86 7.75 -22.01
C LYS A 390 20.87 6.28 -21.59
N GLY A 391 20.06 5.93 -20.59
CA GLY A 391 19.77 4.55 -20.29
C GLY A 391 20.71 3.86 -19.31
N TYR A 392 21.62 4.63 -18.71
CA TYR A 392 22.54 4.07 -17.74
C TYR A 392 21.93 4.12 -16.35
N THR A 393 21.11 3.12 -16.08
CA THR A 393 20.31 3.05 -14.87
C THR A 393 20.23 1.60 -14.40
N GLY A 394 20.30 1.41 -13.08
CA GLY A 394 20.11 0.08 -12.52
C GLY A 394 21.41 -0.68 -12.27
N THR A 395 21.28 -1.84 -11.64
CA THR A 395 22.45 -2.64 -11.30
C THR A 395 22.39 -4.02 -11.94
N HIS A 396 23.56 -4.60 -12.15
CA HIS A 396 23.67 -6.01 -12.46
C HIS A 396 23.49 -6.75 -11.14
N ASN A 397 23.02 -7.99 -11.18
CA ASN A 397 22.79 -8.72 -9.95
C ASN A 397 24.08 -9.31 -9.38
N LEU A 398 25.17 -9.22 -10.14
CA LEU A 398 26.46 -9.69 -9.68
C LEU A 398 27.46 -8.55 -9.55
N SER A 399 28.45 -8.74 -8.68
CA SER A 399 29.56 -7.81 -8.56
C SER A 399 30.51 -7.99 -9.74
N LEU A 400 31.34 -6.98 -10.00
CA LEU A 400 32.40 -7.11 -10.99
C LEU A 400 33.38 -8.18 -10.56
N LYS A 401 33.52 -8.35 -9.25
CA LYS A 401 34.42 -9.37 -8.70
C LYS A 401 33.95 -10.76 -9.10
N ALA A 402 32.65 -11.01 -8.99
CA ALA A 402 32.09 -12.29 -9.40
C ALA A 402 32.19 -12.46 -10.91
N ILE A 403 31.86 -11.41 -11.65
CA ILE A 403 31.89 -11.43 -13.11
C ILE A 403 33.29 -11.66 -13.67
N ASN A 404 34.25 -10.86 -13.20
CA ASN A 404 35.63 -10.97 -13.66
C ASN A 404 36.25 -12.33 -13.33
N LEU A 405 35.84 -12.90 -12.20
CA LEU A 405 36.40 -14.17 -11.73
C LEU A 405 36.15 -15.32 -12.70
N ILE A 406 34.94 -15.37 -13.24
CA ILE A 406 34.52 -16.48 -14.09
C ILE A 406 34.52 -16.11 -15.58
N LEU A 407 35.07 -14.96 -15.91
CA LEU A 407 35.01 -14.47 -17.29
C LEU A 407 35.89 -15.32 -18.21
N ASP A 408 37.07 -15.71 -17.74
CA ASP A 408 37.93 -16.61 -18.51
C ASP A 408 37.28 -17.97 -18.68
N GLU A 409 36.67 -18.45 -17.61
CA GLU A 409 35.97 -19.74 -17.62
C GLU A 409 34.86 -19.73 -18.66
N LEU A 410 34.16 -18.60 -18.79
CA LEU A 410 33.13 -18.45 -19.81
C LEU A 410 33.73 -18.51 -21.21
N TRP A 411 34.88 -17.87 -21.39
CA TRP A 411 35.59 -17.88 -22.66
C TRP A 411 36.03 -19.28 -23.08
N HIS A 412 36.68 -20.00 -22.16
CA HIS A 412 37.39 -21.23 -22.50
C HIS A 412 36.65 -22.52 -22.13
N THR A 413 35.47 -22.39 -21.52
CA THR A 413 34.62 -23.55 -21.30
C THR A 413 33.28 -23.29 -21.95
N ASN A 414 32.37 -24.26 -21.85
CA ASN A 414 31.03 -24.11 -22.39
C ASN A 414 30.01 -24.07 -21.26
N ASP A 415 30.52 -23.94 -20.03
CA ASP A 415 29.68 -23.86 -18.85
C ASP A 415 29.14 -22.45 -18.65
N ASN A 416 27.85 -22.33 -18.37
CA ASN A 416 27.28 -21.03 -18.06
C ASN A 416 27.61 -20.63 -16.64
N GLN A 417 27.12 -19.48 -16.20
CA GLN A 417 27.50 -18.93 -14.90
C GLN A 417 27.20 -19.87 -13.74
N ILE A 418 26.01 -20.45 -13.73
CA ILE A 418 25.60 -21.29 -12.61
C ILE A 418 26.39 -22.61 -12.57
N ALA A 419 26.79 -23.09 -13.74
CA ALA A 419 27.60 -24.30 -13.82
C ALA A 419 28.99 -24.05 -13.26
N ILE A 420 29.55 -22.88 -13.57
CA ILE A 420 30.87 -22.49 -13.09
C ILE A 420 30.85 -22.22 -11.59
N PHE A 421 29.85 -21.47 -11.14
CA PHE A 421 29.70 -21.12 -9.73
C PHE A 421 29.58 -22.36 -8.85
N ASN A 422 28.83 -23.35 -9.32
CA ASN A 422 28.67 -24.60 -8.60
C ASN A 422 29.97 -25.37 -8.56
N ARG A 423 30.65 -25.44 -9.71
CA ARG A 423 31.93 -26.12 -9.80
C ARG A 423 32.97 -25.45 -8.90
N LEU A 424 32.85 -24.13 -8.77
CA LEU A 424 33.75 -23.35 -7.91
C LEU A 424 33.33 -23.37 -6.46
N LYS A 425 32.29 -24.14 -6.15
CA LYS A 425 31.76 -24.26 -4.80
C LYS A 425 31.35 -22.91 -4.20
N LEU A 426 30.78 -22.05 -5.02
CA LEU A 426 30.23 -20.77 -4.56
C LEU A 426 28.72 -20.86 -4.44
N VAL A 427 28.22 -20.78 -3.21
CA VAL A 427 26.79 -20.92 -2.96
C VAL A 427 26.15 -19.55 -2.69
N PRO A 428 24.95 -19.33 -3.24
CA PRO A 428 24.18 -18.10 -2.95
C PRO A 428 24.06 -17.85 -1.45
N LYS A 429 24.24 -16.61 -1.04
CA LYS A 429 24.25 -16.25 0.39
C LYS A 429 22.94 -16.58 1.11
N LYS A 430 23.06 -17.25 2.26
CA LYS A 430 21.89 -17.58 3.08
C LYS A 430 22.10 -17.10 4.51
N VAL A 431 21.05 -17.13 5.32
CA VAL A 431 21.13 -16.73 6.72
C VAL A 431 21.07 -17.95 7.64
N ASP A 432 22.04 -18.07 8.54
CA ASP A 432 22.09 -19.20 9.45
C ASP A 432 21.23 -18.96 10.68
N LEU A 433 20.51 -20.00 11.10
CA LEU A 433 19.59 -19.90 12.22
C LEU A 433 19.98 -20.88 13.33
N SER A 434 21.23 -21.32 13.27
CA SER A 434 21.74 -22.34 14.19
C SER A 434 21.92 -21.77 15.60
N GLN A 435 22.31 -20.51 15.66
CA GLN A 435 22.54 -19.84 16.95
C GLN A 435 21.23 -19.45 17.62
N GLN A 436 20.23 -19.09 16.80
CA GLN A 436 18.95 -18.58 17.29
C GLN A 436 18.26 -19.53 18.27
N LYS A 437 17.78 -18.99 19.39
CA LYS A 437 17.09 -19.77 20.40
C LYS A 437 15.60 -19.90 20.08
N GLU A 438 15.10 -18.95 19.29
CA GLU A 438 13.70 -18.96 18.86
C GLU A 438 13.59 -18.43 17.44
N ILE A 439 12.43 -18.61 16.83
CA ILE A 439 12.20 -18.14 15.46
C ILE A 439 12.32 -16.62 15.39
N PRO A 440 13.30 -16.13 14.62
CA PRO A 440 13.61 -14.70 14.54
C PRO A 440 12.51 -13.89 13.86
N THR A 441 12.38 -12.61 14.24
CA THR A 441 11.38 -11.73 13.67
C THR A 441 12.03 -10.64 12.83
N THR A 442 13.36 -10.56 12.90
CA THR A 442 14.11 -9.52 12.21
C THR A 442 14.13 -9.72 10.70
N LEU A 443 14.05 -10.99 10.28
CA LEU A 443 14.20 -11.35 8.88
C LEU A 443 12.96 -11.01 8.05
N VAL A 444 11.84 -10.76 8.72
CA VAL A 444 10.54 -10.63 8.05
C VAL A 444 10.52 -9.56 6.95
N ASP A 445 11.06 -8.38 7.25
CA ASP A 445 11.04 -7.27 6.29
C ASP A 445 11.81 -7.61 5.02
N ASP A 446 12.88 -8.40 5.16
CA ASP A 446 13.75 -8.73 4.04
C ASP A 446 13.04 -9.48 2.91
N PHE A 447 12.02 -10.25 3.24
CA PHE A 447 11.30 -11.01 2.21
C PHE A 447 9.84 -10.60 2.09
N ILE A 448 9.50 -9.41 2.56
CA ILE A 448 8.12 -8.96 2.51
C ILE A 448 7.97 -7.72 1.62
N LEU A 449 6.75 -7.51 1.11
CA LEU A 449 6.47 -6.37 0.25
C LEU A 449 5.50 -5.39 0.89
N SER A 450 4.53 -5.93 1.63
CA SER A 450 3.49 -5.10 2.24
C SER A 450 3.73 -4.88 3.73
N PRO A 451 3.54 -3.63 4.19
CA PRO A 451 3.62 -3.30 5.62
C PRO A 451 2.57 -4.04 6.44
N VAL A 452 1.43 -4.30 5.82
CA VAL A 452 0.35 -5.02 6.47
C VAL A 452 0.75 -6.46 6.74
N VAL A 453 1.29 -7.11 5.71
CA VAL A 453 1.71 -8.50 5.81
C VAL A 453 2.88 -8.64 6.78
N LYS A 454 3.78 -7.66 6.77
CA LYS A 454 4.94 -7.68 7.65
C LYS A 454 4.54 -7.78 9.12
N ARG A 455 3.63 -6.91 9.55
CA ARG A 455 3.16 -6.93 10.93
C ARG A 455 2.44 -8.24 11.25
N SER A 456 1.60 -8.70 10.34
CA SER A 456 0.87 -9.95 10.54
C SER A 456 1.83 -11.13 10.69
N PHE A 457 2.92 -11.10 9.95
CA PHE A 457 3.93 -12.15 10.05
C PHE A 457 4.70 -12.07 11.36
N ILE A 458 5.14 -10.87 11.72
CA ILE A 458 5.89 -10.70 12.97
C ILE A 458 5.06 -11.16 14.16
N GLN A 459 3.79 -10.76 14.20
CA GLN A 459 2.89 -11.20 15.25
C GLN A 459 2.69 -12.71 15.20
N SER A 460 2.54 -13.26 13.99
CA SER A 460 2.34 -14.69 13.81
C SER A 460 3.51 -15.49 14.38
N ILE A 461 4.72 -15.03 14.10
CA ILE A 461 5.92 -15.70 14.59
C ILE A 461 5.96 -15.69 16.11
N LYS A 462 5.69 -14.52 16.69
CA LYS A 462 5.65 -14.37 18.14
C LYS A 462 4.61 -15.27 18.77
N VAL A 463 3.48 -15.44 18.09
CA VAL A 463 2.45 -16.38 18.54
C VAL A 463 3.01 -17.81 18.56
N ILE A 464 3.70 -18.18 17.50
CA ILE A 464 4.28 -19.51 17.41
C ILE A 464 5.33 -19.72 18.51
N ASN A 465 6.24 -18.77 18.65
CA ASN A 465 7.29 -18.86 19.67
C ASN A 465 6.73 -18.99 21.08
N ALA A 466 5.61 -18.33 21.35
CA ALA A 466 4.97 -18.41 22.66
C ALA A 466 4.28 -19.75 22.87
N ILE A 467 3.66 -20.26 21.82
CA ILE A 467 2.97 -21.55 21.89
C ILE A 467 3.93 -22.69 22.16
N ILE A 468 5.07 -22.72 21.47
CA ILE A 468 6.05 -23.77 21.68
C ILE A 468 6.70 -23.66 23.05
N LYS A 469 6.70 -22.45 23.62
CA LYS A 469 7.31 -22.22 24.92
C LYS A 469 6.38 -22.73 26.03
N LYS A 470 5.08 -22.62 25.81
CA LYS A 470 4.09 -23.00 26.81
C LYS A 470 3.60 -24.44 26.59
N TYR A 471 3.69 -24.94 25.36
CA TYR A 471 3.13 -26.25 25.03
C TYR A 471 4.16 -27.26 24.53
N GLY A 472 5.29 -26.77 24.04
CA GLY A 472 6.28 -27.65 23.43
C GLY A 472 6.13 -27.67 21.93
N LEU A 473 6.98 -28.42 21.25
CA LEU A 473 6.94 -28.49 19.80
C LEU A 473 5.76 -29.33 19.32
N PRO A 474 5.08 -28.88 18.25
CA PRO A 474 4.08 -29.71 17.57
C PRO A 474 4.70 -30.51 16.43
N ASN A 475 4.06 -31.59 16.01
CA ASN A 475 4.52 -32.29 14.82
C ASN A 475 4.13 -31.53 13.57
N ASP A 476 2.95 -30.92 13.60
CA ASP A 476 2.39 -30.27 12.43
C ASP A 476 2.03 -28.82 12.66
N ILE A 477 2.45 -27.95 11.75
CA ILE A 477 1.98 -26.57 11.73
C ILE A 477 1.33 -26.28 10.38
N ILE A 478 0.04 -25.95 10.40
CA ILE A 478 -0.67 -25.64 9.17
C ILE A 478 -1.16 -24.19 9.19
N ILE A 479 -0.91 -23.46 8.10
CA ILE A 479 -1.14 -22.01 8.07
C ILE A 479 -2.02 -21.57 6.91
N GLU A 480 -2.93 -20.65 7.18
CA GLU A 480 -3.72 -20.00 6.13
C GLU A 480 -3.58 -18.48 6.21
N LEU A 481 -3.40 -17.84 5.06
CA LEU A 481 -3.28 -16.38 5.01
C LEU A 481 -4.50 -15.76 4.35
N ALA A 482 -4.70 -14.46 4.61
CA ALA A 482 -5.85 -13.75 4.06
C ALA A 482 -5.71 -13.58 2.55
N ARG A 483 -6.85 -13.57 1.86
CA ARG A 483 -6.86 -13.34 0.42
C ARG A 483 -6.57 -11.87 0.13
N GLU A 484 -6.95 -11.02 1.08
CA GLU A 484 -6.83 -9.58 0.94
C GLU A 484 -5.47 -9.09 1.39
N LYS A 485 -4.92 -8.11 0.68
CA LYS A 485 -3.63 -7.57 1.05
C LYS A 485 -3.82 -6.47 2.09
N ASN A 486 -5.00 -5.85 2.08
CA ASN A 486 -5.37 -4.86 3.09
C ASN A 486 -6.88 -4.75 3.24
N SER A 487 -7.33 -3.89 4.17
CA SER A 487 -8.75 -3.77 4.48
C SER A 487 -9.54 -3.08 3.37
N LYS A 488 -8.92 -2.11 2.71
CA LYS A 488 -9.57 -1.45 1.57
C LYS A 488 -9.82 -2.46 0.46
N ASP A 489 -8.83 -3.32 0.20
CA ASP A 489 -8.97 -4.38 -0.78
C ASP A 489 -10.01 -5.40 -0.32
N ALA A 490 -10.02 -5.67 0.98
CA ALA A 490 -10.99 -6.58 1.57
C ALA A 490 -12.42 -6.09 1.37
N GLN A 491 -12.64 -4.80 1.62
CA GLN A 491 -13.96 -4.21 1.50
C GLN A 491 -14.44 -4.26 0.05
N LYS A 492 -13.51 -4.12 -0.87
CA LYS A 492 -13.85 -4.19 -2.30
C LYS A 492 -14.33 -5.59 -2.67
N MET A 493 -13.69 -6.61 -2.10
CA MET A 493 -14.12 -7.99 -2.30
C MET A 493 -15.53 -8.20 -1.77
N ILE A 494 -15.80 -7.62 -0.60
CA ILE A 494 -17.11 -7.73 0.04
C ILE A 494 -18.19 -7.06 -0.80
N ASN A 495 -17.90 -5.86 -1.30
CA ASN A 495 -18.83 -5.13 -2.14
C ASN A 495 -19.21 -5.90 -3.40
N GLU A 496 -18.21 -6.45 -4.08
CA GLU A 496 -18.47 -7.27 -5.26
C GLU A 496 -19.28 -8.50 -4.89
N MET A 497 -18.98 -9.09 -3.74
CA MET A 497 -19.73 -10.25 -3.27
C MET A 497 -21.20 -9.91 -3.08
N GLN A 498 -21.47 -8.82 -2.36
CA GLN A 498 -22.84 -8.42 -2.05
C GLN A 498 -23.60 -8.04 -3.31
N LYS A 499 -22.91 -7.38 -4.23
CA LYS A 499 -23.51 -6.96 -5.49
C LYS A 499 -23.94 -8.17 -6.33
N ARG A 500 -23.07 -9.18 -6.39
CA ARG A 500 -23.39 -10.41 -7.10
C ARG A 500 -24.58 -11.11 -6.46
N ASN A 501 -24.61 -11.12 -5.14
CA ASN A 501 -25.70 -11.70 -4.39
C ASN A 501 -27.02 -11.00 -4.68
N ARG A 502 -26.99 -9.66 -4.77
CA ARG A 502 -28.17 -8.89 -5.11
C ARG A 502 -28.68 -9.24 -6.51
N GLN A 503 -27.75 -9.41 -7.45
CA GLN A 503 -28.10 -9.78 -8.81
C GLN A 503 -28.78 -11.16 -8.86
N THR A 504 -28.16 -12.14 -8.22
CA THR A 504 -28.71 -13.49 -8.22
C THR A 504 -30.05 -13.52 -7.50
N ASN A 505 -30.13 -12.85 -6.36
CA ASN A 505 -31.38 -12.80 -5.61
C ASN A 505 -32.50 -12.15 -6.42
N GLU A 506 -32.16 -11.13 -7.20
CA GLU A 506 -33.13 -10.49 -8.08
C GLU A 506 -33.54 -11.43 -9.22
N ARG A 507 -32.56 -12.17 -9.73
CA ARG A 507 -32.80 -13.15 -10.78
C ARG A 507 -33.77 -14.23 -10.32
N ILE A 508 -33.60 -14.67 -9.06
CA ILE A 508 -34.47 -15.69 -8.50
C ILE A 508 -35.89 -15.17 -8.33
N GLU A 509 -36.04 -13.95 -7.82
CA GLU A 509 -37.35 -13.30 -7.67
C GLU A 509 -38.06 -13.19 -9.01
N GLU A 510 -37.29 -12.88 -10.05
CA GLU A 510 -37.81 -12.77 -11.40
C GLU A 510 -38.41 -14.09 -11.88
N ILE A 511 -37.79 -15.20 -11.48
CA ILE A 511 -38.24 -16.53 -11.89
C ILE A 511 -39.52 -16.94 -11.17
N ILE A 512 -39.60 -16.68 -9.87
CA ILE A 512 -40.78 -17.07 -9.09
C ILE A 512 -41.99 -16.22 -9.47
N ARG A 513 -41.75 -15.04 -10.03
CA ARG A 513 -42.84 -14.17 -10.48
C ARG A 513 -43.31 -14.61 -11.87
N THR A 514 -42.36 -15.05 -12.68
CA THR A 514 -42.63 -15.49 -14.05
C THR A 514 -43.31 -16.87 -14.12
N THR A 515 -42.78 -17.82 -13.36
CA THR A 515 -43.24 -19.21 -13.44
C THR A 515 -44.17 -19.61 -12.30
N GLY A 516 -44.06 -18.93 -11.17
CA GLY A 516 -44.87 -19.26 -10.01
C GLY A 516 -44.29 -20.45 -9.25
N LYS A 517 -43.13 -20.93 -9.72
CA LYS A 517 -42.43 -22.03 -9.08
C LYS A 517 -41.51 -21.51 -8.00
N GLU A 518 -41.93 -21.67 -6.74
CA GLU A 518 -41.16 -21.19 -5.59
C GLU A 518 -39.95 -22.08 -5.31
N ASN A 519 -39.79 -23.15 -6.08
CA ASN A 519 -38.68 -24.08 -5.91
C ASN A 519 -37.34 -23.41 -6.23
N ALA A 520 -37.40 -22.34 -7.01
CA ALA A 520 -36.22 -21.65 -7.51
C ALA A 520 -35.24 -21.23 -6.42
N LYS A 521 -35.74 -20.94 -5.23
CA LYS A 521 -34.87 -20.50 -4.14
C LYS A 521 -34.04 -21.66 -3.60
N TYR A 522 -34.40 -22.88 -3.97
CA TYR A 522 -33.65 -24.06 -3.55
C TYR A 522 -32.69 -24.56 -4.65
N LEU A 523 -32.68 -23.86 -5.77
CA LEU A 523 -31.93 -24.31 -6.94
C LEU A 523 -30.98 -23.22 -7.44
N ILE A 524 -30.58 -22.32 -6.56
CA ILE A 524 -29.77 -21.16 -6.94
C ILE A 524 -28.49 -21.51 -7.69
N GLU A 525 -27.71 -22.47 -7.15
CA GLU A 525 -26.47 -22.88 -7.79
C GLU A 525 -26.70 -23.46 -9.18
N LYS A 526 -27.70 -24.32 -9.30
CA LYS A 526 -28.03 -24.92 -10.59
C LYS A 526 -28.58 -23.90 -11.58
N ILE A 527 -29.29 -22.90 -11.07
CA ILE A 527 -29.80 -21.82 -11.93
C ILE A 527 -28.64 -20.90 -12.35
N LYS A 528 -27.73 -20.62 -11.41
CA LYS A 528 -26.54 -19.83 -11.70
C LYS A 528 -25.73 -20.47 -12.83
N LEU A 529 -25.55 -21.78 -12.74
CA LEU A 529 -24.85 -22.53 -13.78
C LEU A 529 -25.63 -22.51 -15.08
N HIS A 530 -26.94 -22.70 -14.99
CA HIS A 530 -27.80 -22.73 -16.15
C HIS A 530 -27.71 -21.44 -16.97
N ASP A 531 -27.83 -20.30 -16.31
CA ASP A 531 -27.75 -19.01 -17.00
C ASP A 531 -26.38 -18.80 -17.62
N MET A 532 -25.36 -19.26 -16.90
CA MET A 532 -23.98 -19.04 -17.31
C MET A 532 -23.62 -19.93 -18.49
N GLN A 533 -24.29 -21.07 -18.60
CA GLN A 533 -24.03 -22.03 -19.68
C GLN A 533 -25.02 -21.88 -20.83
N GLU A 534 -25.75 -20.76 -20.84
CA GLU A 534 -26.76 -20.46 -21.87
C GLU A 534 -27.77 -21.61 -22.05
N GLY A 535 -28.13 -22.24 -20.94
CA GLY A 535 -29.18 -23.24 -20.94
C GLY A 535 -28.87 -24.55 -21.65
N LYS A 536 -27.59 -24.87 -21.76
CA LYS A 536 -27.18 -26.13 -22.39
C LYS A 536 -26.31 -26.98 -21.49
N CYS A 537 -26.53 -28.29 -21.54
CA CYS A 537 -25.64 -29.26 -20.91
C CYS A 537 -24.31 -29.28 -21.66
N LEU A 538 -23.23 -28.89 -21.00
CA LEU A 538 -21.96 -28.70 -21.69
C LEU A 538 -21.34 -30.00 -22.22
N TYR A 539 -21.75 -31.14 -21.68
CA TYR A 539 -21.15 -32.42 -22.08
C TYR A 539 -21.87 -33.08 -23.26
N SER A 540 -23.16 -32.78 -23.42
CA SER A 540 -23.94 -33.35 -24.51
C SER A 540 -24.37 -32.27 -25.50
N LEU A 541 -24.18 -31.02 -25.09
CA LEU A 541 -24.58 -29.83 -25.88
C LEU A 541 -26.08 -29.78 -26.16
N GLU A 542 -26.84 -30.64 -25.49
CA GLU A 542 -28.29 -30.65 -25.61
C GLU A 542 -28.90 -29.58 -24.71
N ALA A 543 -30.07 -29.06 -25.09
CA ALA A 543 -30.70 -27.97 -24.36
C ALA A 543 -31.26 -28.44 -23.02
N ILE A 544 -31.08 -27.60 -22.01
CA ILE A 544 -31.68 -27.82 -20.69
C ILE A 544 -32.81 -26.82 -20.47
N PRO A 545 -34.06 -27.24 -20.76
CA PRO A 545 -35.22 -26.38 -20.52
C PRO A 545 -35.34 -25.98 -19.06
N LEU A 546 -35.36 -24.68 -18.79
CA LEU A 546 -35.43 -24.17 -17.42
C LEU A 546 -36.63 -24.71 -16.67
N GLU A 547 -37.75 -24.86 -17.37
CA GLU A 547 -38.97 -25.39 -16.76
C GLU A 547 -38.77 -26.82 -16.27
N ASP A 548 -38.03 -27.61 -17.05
CA ASP A 548 -37.75 -28.98 -16.69
C ASP A 548 -36.75 -29.03 -15.55
N LEU A 549 -35.81 -28.09 -15.55
CA LEU A 549 -34.85 -27.95 -14.47
C LEU A 549 -35.55 -27.56 -13.17
N LEU A 550 -36.52 -26.66 -13.28
CA LEU A 550 -37.29 -26.21 -12.12
C LEU A 550 -38.17 -27.33 -11.57
N ASN A 551 -38.81 -28.08 -12.45
CA ASN A 551 -39.70 -29.15 -12.04
C ASN A 551 -38.96 -30.42 -11.62
N ASN A 552 -37.93 -30.76 -12.37
CA ASN A 552 -37.16 -31.98 -12.09
C ASN A 552 -35.65 -31.71 -12.01
N PRO A 553 -35.20 -31.06 -10.93
CA PRO A 553 -33.78 -30.68 -10.79
C PRO A 553 -32.87 -31.88 -10.58
N PHE A 554 -33.43 -32.99 -10.11
CA PHE A 554 -32.66 -34.20 -9.86
C PHE A 554 -32.14 -34.85 -11.15
N ASN A 555 -32.78 -34.52 -12.27
CA ASN A 555 -32.35 -35.04 -13.57
C ASN A 555 -31.08 -34.36 -14.08
N TYR A 556 -30.77 -33.20 -13.53
CA TYR A 556 -29.61 -32.43 -13.94
C TYR A 556 -28.59 -32.34 -12.82
N GLU A 557 -27.40 -32.85 -13.07
CA GLU A 557 -26.39 -32.98 -12.02
C GLU A 557 -25.34 -31.87 -12.10
N VAL A 558 -24.91 -31.38 -10.94
CA VAL A 558 -23.79 -30.46 -10.88
C VAL A 558 -22.51 -31.27 -10.82
N ASP A 559 -21.79 -31.32 -11.94
CA ASP A 559 -20.59 -32.14 -12.04
C ASP A 559 -19.34 -31.29 -11.86
N HIS A 560 -18.31 -31.89 -11.26
CA HIS A 560 -17.04 -31.20 -11.08
C HIS A 560 -16.12 -31.49 -12.27
N ILE A 561 -15.79 -30.43 -13.01
CA ILE A 561 -15.01 -30.50 -14.24
C ILE A 561 -13.74 -31.33 -14.08
N ILE A 562 -12.84 -30.87 -13.22
CA ILE A 562 -11.67 -31.66 -12.86
C ILE A 562 -11.97 -32.36 -11.54
N PRO A 563 -11.92 -33.70 -11.54
CA PRO A 563 -12.19 -34.52 -10.35
C PRO A 563 -11.44 -34.02 -9.12
N ARG A 564 -12.17 -33.79 -8.03
CA ARG A 564 -11.60 -33.14 -6.85
C ARG A 564 -10.55 -34.02 -6.16
N SER A 565 -10.49 -35.28 -6.56
CA SER A 565 -9.45 -36.19 -6.07
C SER A 565 -8.06 -35.68 -6.43
N VAL A 566 -7.98 -34.88 -7.49
CA VAL A 566 -6.70 -34.28 -7.87
C VAL A 566 -6.77 -32.75 -7.89
N SER A 567 -7.95 -32.20 -8.18
CA SER A 567 -8.10 -30.75 -8.35
C SER A 567 -8.21 -30.05 -7.00
N PHE A 568 -8.85 -30.71 -6.04
CA PHE A 568 -9.14 -30.14 -4.72
C PHE A 568 -9.86 -28.78 -4.83
N ASP A 569 -10.60 -28.61 -5.92
CA ASP A 569 -11.31 -27.36 -6.17
C ASP A 569 -12.81 -27.55 -5.95
N ASN A 570 -13.36 -26.80 -5.00
CA ASN A 570 -14.78 -26.90 -4.69
C ASN A 570 -15.54 -25.64 -5.11
N SER A 571 -14.85 -24.75 -5.81
CA SER A 571 -15.43 -23.47 -6.20
C SER A 571 -16.39 -23.58 -7.38
N PHE A 572 -17.06 -22.47 -7.67
CA PHE A 572 -17.99 -22.38 -8.78
C PHE A 572 -17.27 -22.59 -10.12
N ASN A 573 -15.97 -22.29 -10.13
CA ASN A 573 -15.15 -22.44 -11.34
C ASN A 573 -14.94 -23.89 -11.76
N ASN A 574 -15.17 -24.82 -10.84
CA ASN A 574 -14.98 -26.23 -11.13
C ASN A 574 -16.31 -26.96 -11.25
N LYS A 575 -17.40 -26.21 -11.43
CA LYS A 575 -18.73 -26.80 -11.48
C LYS A 575 -19.46 -26.53 -12.80
N VAL A 576 -20.11 -27.57 -13.32
CA VAL A 576 -20.92 -27.43 -14.52
C VAL A 576 -22.23 -28.18 -14.38
N LEU A 577 -23.32 -27.57 -14.85
CA LEU A 577 -24.62 -28.21 -14.83
C LEU A 577 -24.78 -29.11 -16.06
N VAL A 578 -24.85 -30.42 -15.83
CA VAL A 578 -25.01 -31.37 -16.93
C VAL A 578 -26.15 -32.34 -16.64
N LYS A 579 -26.57 -33.08 -17.66
CA LYS A 579 -27.58 -34.11 -17.47
C LYS A 579 -26.99 -35.25 -16.64
N GLN A 580 -27.82 -35.90 -15.85
CA GLN A 580 -27.35 -36.94 -14.92
C GLN A 580 -26.67 -38.08 -15.68
N GLU A 581 -27.07 -38.29 -16.92
CA GLU A 581 -26.55 -39.37 -17.75
C GLU A 581 -25.10 -39.10 -18.12
N GLU A 582 -24.82 -37.85 -18.48
CA GLU A 582 -23.47 -37.43 -18.83
C GLU A 582 -22.55 -37.46 -17.63
N ALA A 583 -23.06 -37.04 -16.48
CA ALA A 583 -22.29 -37.06 -15.24
C ALA A 583 -21.98 -38.49 -14.80
N SER A 584 -22.91 -39.40 -15.06
CA SER A 584 -22.72 -40.81 -14.70
C SER A 584 -21.65 -41.47 -15.56
N LYS A 585 -21.74 -41.23 -16.87
CA LYS A 585 -20.84 -41.84 -17.85
C LYS A 585 -19.43 -41.29 -17.73
N LYS A 586 -19.32 -40.01 -17.40
CA LYS A 586 -18.02 -39.34 -17.33
C LYS A 586 -17.11 -39.96 -16.28
N GLY A 587 -17.65 -40.21 -15.08
CA GLY A 587 -16.87 -40.79 -14.01
C GLY A 587 -15.75 -39.89 -13.54
N ASN A 588 -14.64 -40.49 -13.12
CA ASN A 588 -13.50 -39.73 -12.62
C ASN A 588 -12.53 -39.35 -13.73
N ARG A 589 -13.01 -38.61 -14.73
CA ARG A 589 -12.18 -38.19 -15.85
C ARG A 589 -12.35 -36.69 -16.11
N THR A 590 -11.51 -36.15 -16.99
CA THR A 590 -11.70 -34.79 -17.45
C THR A 590 -12.68 -34.80 -18.61
N PRO A 591 -13.28 -33.63 -18.92
CA PRO A 591 -14.10 -33.55 -20.14
C PRO A 591 -13.33 -34.04 -21.37
N PHE A 592 -12.05 -33.70 -21.46
CA PHE A 592 -11.23 -34.16 -22.58
C PHE A 592 -11.11 -35.68 -22.61
N GLN A 593 -10.87 -36.29 -21.45
CA GLN A 593 -10.72 -37.73 -21.37
C GLN A 593 -12.03 -38.45 -21.64
N TYR A 594 -13.11 -37.90 -21.13
CA TYR A 594 -14.42 -38.49 -21.32
C TYR A 594 -14.91 -38.34 -22.76
N LEU A 595 -14.74 -37.16 -23.34
CA LEU A 595 -15.26 -36.92 -24.69
C LEU A 595 -14.39 -37.57 -25.77
N SER A 596 -13.17 -37.97 -25.39
CA SER A 596 -12.32 -38.71 -26.31
C SER A 596 -12.82 -40.14 -26.48
N SER A 597 -13.38 -40.71 -25.41
CA SER A 597 -13.85 -42.08 -25.43
C SER A 597 -15.18 -42.24 -26.18
N SER A 598 -15.63 -43.49 -26.32
CA SER A 598 -16.86 -43.81 -27.03
C SER A 598 -18.11 -43.52 -26.19
N ASP A 599 -17.93 -43.41 -24.88
CA ASP A 599 -19.05 -43.21 -23.96
C ASP A 599 -19.80 -41.90 -24.22
N SER A 600 -19.15 -40.98 -24.92
CA SER A 600 -19.66 -39.63 -25.11
C SER A 600 -20.52 -39.48 -26.35
N LYS A 601 -21.51 -38.60 -26.27
CA LYS A 601 -22.38 -38.31 -27.41
C LYS A 601 -21.66 -37.50 -28.48
N ILE A 602 -20.78 -36.60 -28.05
CA ILE A 602 -20.14 -35.66 -28.96
C ILE A 602 -18.62 -35.80 -29.00
N SER A 603 -18.00 -35.17 -29.99
CA SER A 603 -16.55 -35.14 -30.10
C SER A 603 -15.98 -33.99 -29.28
N TYR A 604 -14.72 -34.11 -28.87
CA TYR A 604 -14.10 -33.07 -28.05
C TYR A 604 -13.91 -31.78 -28.84
N GLU A 605 -13.74 -31.91 -30.16
CA GLU A 605 -13.59 -30.73 -31.00
C GLU A 605 -14.87 -29.89 -30.99
N THR A 606 -16.02 -30.55 -31.13
CA THR A 606 -17.31 -29.88 -31.08
C THR A 606 -17.49 -29.22 -29.72
N PHE A 607 -17.01 -29.90 -28.69
CA PHE A 607 -17.02 -29.39 -27.33
C PHE A 607 -16.09 -28.18 -27.18
N LYS A 608 -14.90 -28.29 -27.75
CA LYS A 608 -13.90 -27.23 -27.66
C LYS A 608 -14.39 -25.95 -28.32
N LYS A 609 -15.07 -26.11 -29.45
CA LYS A 609 -15.62 -24.97 -30.19
C LYS A 609 -16.68 -24.24 -29.37
N HIS A 610 -17.58 -24.99 -28.74
CA HIS A 610 -18.65 -24.41 -27.96
C HIS A 610 -18.11 -23.66 -26.74
N ILE A 611 -17.13 -24.25 -26.07
CA ILE A 611 -16.54 -23.64 -24.88
C ILE A 611 -15.83 -22.33 -25.19
N LEU A 612 -15.07 -22.32 -26.29
CA LEU A 612 -14.29 -21.14 -26.67
C LEU A 612 -15.16 -19.94 -27.00
N ASN A 613 -16.27 -20.18 -27.73
CA ASN A 613 -17.22 -19.13 -28.02
C ASN A 613 -17.94 -18.68 -26.76
N LEU A 614 -18.16 -19.63 -25.86
CA LEU A 614 -18.79 -19.35 -24.58
C LEU A 614 -17.88 -18.51 -23.69
N ALA A 615 -16.57 -18.71 -23.86
CA ALA A 615 -15.58 -18.07 -22.99
C ALA A 615 -15.19 -16.67 -23.47
N LYS A 616 -15.82 -16.21 -24.56
CA LYS A 616 -15.56 -14.88 -25.08
C LYS A 616 -16.85 -14.05 -25.06
N GLY A 617 -16.71 -12.74 -24.90
CA GLY A 617 -17.86 -11.85 -24.84
C GLY A 617 -18.22 -11.46 -23.41
N LYS A 618 -19.29 -10.68 -23.27
CA LYS A 618 -19.76 -10.24 -21.95
C LYS A 618 -20.54 -11.35 -21.26
N GLY A 619 -20.42 -11.41 -19.93
CA GLY A 619 -21.06 -12.45 -19.15
C GLY A 619 -20.52 -13.83 -19.49
N ARG A 620 -19.29 -13.84 -20.00
CA ARG A 620 -18.63 -15.07 -20.43
C ARG A 620 -18.39 -16.04 -19.28
N ILE A 621 -18.09 -17.28 -19.63
CA ILE A 621 -17.67 -18.28 -18.66
C ILE A 621 -16.35 -17.84 -18.04
N SER A 622 -16.05 -18.32 -16.83
CA SER A 622 -14.82 -17.95 -16.15
C SER A 622 -13.58 -18.40 -16.93
N LYS A 623 -12.50 -17.64 -16.82
CA LYS A 623 -11.25 -18.00 -17.48
C LYS A 623 -10.69 -19.27 -16.89
N THR A 624 -10.80 -19.39 -15.56
CA THR A 624 -10.41 -20.61 -14.86
C THR A 624 -11.29 -21.78 -15.30
N LYS A 625 -12.56 -21.50 -15.56
CA LYS A 625 -13.48 -22.53 -16.03
C LYS A 625 -13.06 -23.03 -17.41
N LYS A 626 -12.64 -22.10 -18.27
CA LYS A 626 -12.18 -22.46 -19.61
C LYS A 626 -10.94 -23.35 -19.53
N GLU A 627 -9.99 -22.95 -18.68
CA GLU A 627 -8.76 -23.71 -18.48
C GLU A 627 -9.05 -25.10 -17.91
N TYR A 628 -10.11 -25.22 -17.12
CA TYR A 628 -10.51 -26.50 -16.56
C TYR A 628 -11.18 -27.39 -17.61
N LEU A 629 -12.13 -26.80 -18.35
CA LEU A 629 -12.92 -27.54 -19.33
C LEU A 629 -12.08 -28.04 -20.49
N LEU A 630 -10.95 -27.38 -20.74
CA LEU A 630 -10.10 -27.74 -21.87
C LEU A 630 -8.76 -28.32 -21.40
N GLU A 631 -8.73 -28.83 -20.17
CA GLU A 631 -7.54 -29.50 -19.65
C GLU A 631 -7.28 -30.78 -20.43
N GLU A 632 -6.14 -30.83 -21.10
CA GLU A 632 -5.83 -31.96 -21.97
C GLU A 632 -4.65 -32.77 -21.47
N ARG A 633 -4.11 -32.40 -20.31
CA ARG A 633 -3.04 -33.16 -19.68
C ARG A 633 -3.61 -34.42 -19.03
N ASP A 634 -2.73 -35.31 -18.61
CA ASP A 634 -3.14 -36.55 -17.99
C ASP A 634 -3.27 -36.40 -16.48
N ILE A 635 -4.46 -36.69 -15.97
CA ILE A 635 -4.76 -36.52 -14.56
C ILE A 635 -3.94 -37.46 -13.67
N ASN A 636 -3.71 -38.68 -14.16
CA ASN A 636 -2.98 -39.68 -13.39
C ASN A 636 -1.48 -39.39 -13.29
N ARG A 637 -0.99 -38.45 -14.09
CA ARG A 637 0.42 -38.06 -14.00
C ARG A 637 0.67 -37.26 -12.73
N PHE A 638 1.66 -37.69 -11.96
CA PHE A 638 1.98 -37.10 -10.66
C PHE A 638 2.38 -35.63 -10.78
N SER A 639 3.11 -35.29 -11.83
CA SER A 639 3.52 -33.91 -12.05
C SER A 639 2.30 -33.01 -12.21
N VAL A 640 1.30 -33.50 -12.95
CA VAL A 640 0.06 -32.76 -13.15
C VAL A 640 -0.70 -32.61 -11.84
N GLN A 641 -0.74 -33.68 -11.06
CA GLN A 641 -1.38 -33.67 -9.75
C GLN A 641 -0.69 -32.67 -8.81
N LYS A 642 0.62 -32.52 -8.98
CA LYS A 642 1.39 -31.57 -8.18
C LYS A 642 1.00 -30.14 -8.52
N ASP A 643 0.72 -29.88 -9.80
CA ASP A 643 0.31 -28.56 -10.24
C ASP A 643 -1.02 -28.15 -9.62
N PHE A 644 -1.97 -29.06 -9.61
CA PHE A 644 -3.29 -28.78 -9.07
C PHE A 644 -3.26 -28.54 -7.56
N ILE A 645 -2.46 -29.34 -6.85
CA ILE A 645 -2.31 -29.19 -5.41
C ILE A 645 -1.70 -27.82 -5.10
N ASN A 646 -0.71 -27.44 -5.91
CA ASN A 646 -0.02 -26.17 -5.73
C ASN A 646 -0.90 -24.97 -6.03
N ARG A 647 -1.89 -25.15 -6.89
CA ARG A 647 -2.78 -24.05 -7.25
C ARG A 647 -3.97 -23.94 -6.30
N ASN A 648 -4.57 -25.09 -5.96
CA ASN A 648 -5.87 -25.07 -5.28
C ASN A 648 -5.89 -25.60 -3.85
N LEU A 649 -4.90 -26.41 -3.49
CA LEU A 649 -4.89 -27.00 -2.15
C LEU A 649 -3.94 -26.26 -1.22
N VAL A 650 -2.84 -25.76 -1.78
CA VAL A 650 -1.82 -25.08 -0.98
C VAL A 650 -1.71 -23.62 -1.39
N ASP A 651 -1.07 -22.80 -0.56
CA ASP A 651 -0.89 -21.39 -0.85
C ASP A 651 0.53 -21.13 -1.34
N THR A 652 0.68 -20.90 -2.64
CA THR A 652 1.99 -20.67 -3.25
C THR A 652 2.28 -19.21 -3.55
N ARG A 653 1.58 -18.30 -2.87
CA ARG A 653 1.87 -16.88 -3.03
C ARG A 653 3.23 -16.57 -2.42
N TYR A 654 3.85 -15.49 -2.89
CA TYR A 654 5.22 -15.17 -2.48
C TYR A 654 5.38 -14.99 -0.97
N ALA A 655 4.53 -14.18 -0.35
CA ALA A 655 4.64 -13.91 1.07
C ALA A 655 4.52 -15.19 1.89
N THR A 656 3.59 -16.05 1.51
CA THR A 656 3.37 -17.32 2.18
C THR A 656 4.61 -18.21 2.10
N ARG A 657 5.20 -18.29 0.91
CA ARG A 657 6.40 -19.07 0.68
C ARG A 657 7.56 -18.61 1.56
N GLY A 658 7.74 -17.30 1.65
CA GLY A 658 8.81 -16.73 2.46
C GLY A 658 8.69 -17.11 3.92
N LEU A 659 7.50 -16.93 4.47
CA LEU A 659 7.25 -17.28 5.88
C LEU A 659 7.41 -18.77 6.11
N MET A 660 6.88 -19.56 5.19
CA MET A 660 6.94 -21.00 5.31
C MET A 660 8.37 -21.52 5.22
N ASN A 661 9.17 -20.91 4.35
CA ASN A 661 10.57 -21.30 4.23
C ASN A 661 11.34 -20.94 5.49
N LEU A 662 11.04 -19.78 6.05
CA LEU A 662 11.65 -19.33 7.30
C LEU A 662 11.44 -20.35 8.42
N LEU A 663 10.21 -20.85 8.53
CA LEU A 663 9.88 -21.83 9.56
C LEU A 663 10.61 -23.14 9.32
N ARG A 664 10.52 -23.66 8.11
CA ARG A 664 11.16 -24.92 7.74
C ARG A 664 12.67 -24.84 7.89
N SER A 665 13.25 -23.71 7.51
CA SER A 665 14.69 -23.51 7.63
C SER A 665 15.12 -23.49 9.09
N TYR A 666 14.31 -22.87 9.93
CA TYR A 666 14.62 -22.80 11.34
C TYR A 666 14.59 -24.18 12.00
N PHE A 667 13.58 -24.97 11.64
CA PHE A 667 13.39 -26.29 12.24
C PHE A 667 14.44 -27.31 11.77
N ARG A 668 14.81 -27.24 10.50
CA ARG A 668 15.77 -28.20 9.95
C ARG A 668 17.17 -27.95 10.50
N VAL A 669 17.49 -26.69 10.78
CA VAL A 669 18.83 -26.32 11.24
C VAL A 669 19.01 -26.69 12.71
N ASN A 670 17.99 -26.47 13.51
CA ASN A 670 18.04 -26.86 14.93
C ASN A 670 17.63 -28.33 15.10
N ASN A 671 17.45 -29.02 13.97
CA ASN A 671 17.14 -30.44 13.94
C ASN A 671 15.85 -30.79 14.68
N LEU A 672 14.84 -29.95 14.53
CA LEU A 672 13.53 -30.18 15.14
C LEU A 672 12.56 -30.81 14.15
N ASP A 673 11.96 -31.93 14.53
CA ASP A 673 11.05 -32.66 13.64
C ASP A 673 9.67 -32.03 13.63
N VAL A 674 9.54 -30.90 12.94
CA VAL A 674 8.27 -30.20 12.83
C VAL A 674 7.86 -30.08 11.37
N LYS A 675 6.67 -30.58 11.04
CA LYS A 675 6.16 -30.53 9.68
C LYS A 675 5.32 -29.26 9.46
N VAL A 676 5.75 -28.44 8.50
CA VAL A 676 5.08 -27.17 8.23
C VAL A 676 4.41 -27.18 6.86
N LYS A 677 3.16 -26.72 6.81
CA LYS A 677 2.43 -26.66 5.55
C LYS A 677 1.48 -25.48 5.53
N SER A 678 1.02 -25.11 4.34
CA SER A 678 -0.02 -24.09 4.20
C SER A 678 -1.22 -24.67 3.48
N ILE A 679 -2.34 -23.95 3.53
CA ILE A 679 -3.55 -24.42 2.87
C ILE A 679 -4.31 -23.25 2.25
N ASN A 680 -4.82 -23.47 1.04
CA ASN A 680 -5.60 -22.46 0.33
C ASN A 680 -6.86 -22.12 1.10
N GLY A 681 -7.17 -20.82 1.18
CA GLY A 681 -8.34 -20.37 1.90
C GLY A 681 -9.63 -20.85 1.28
N GLY A 682 -9.58 -21.17 -0.02
CA GLY A 682 -10.75 -21.64 -0.73
C GLY A 682 -11.18 -23.02 -0.29
N PHE A 683 -10.20 -23.82 0.13
CA PHE A 683 -10.48 -25.17 0.58
C PHE A 683 -11.03 -25.20 2.00
N THR A 684 -10.54 -24.30 2.85
CA THR A 684 -11.00 -24.22 4.24
C THR A 684 -12.43 -23.70 4.29
N SER A 685 -12.74 -22.77 3.38
CA SER A 685 -14.09 -22.26 3.27
C SER A 685 -15.07 -23.37 2.89
N PHE A 686 -14.62 -24.27 2.02
CA PHE A 686 -15.40 -25.45 1.65
C PHE A 686 -15.68 -26.34 2.86
N LEU A 687 -14.68 -26.49 3.72
CA LEU A 687 -14.83 -27.30 4.92
C LEU A 687 -15.86 -26.69 5.86
N ARG A 688 -15.67 -25.41 6.19
CA ARG A 688 -16.60 -24.70 7.07
C ARG A 688 -18.03 -24.75 6.53
N ARG A 689 -18.17 -24.60 5.22
CA ARG A 689 -19.47 -24.68 4.57
C ARG A 689 -20.09 -26.07 4.72
N LYS A 690 -19.27 -27.10 4.52
CA LYS A 690 -19.74 -28.49 4.55
C LYS A 690 -19.85 -29.05 5.96
N TRP A 691 -19.12 -28.46 6.90
CA TRP A 691 -19.14 -28.90 8.29
C TRP A 691 -20.25 -28.21 9.06
N LYS A 692 -21.08 -27.47 8.34
CA LYS A 692 -22.30 -26.86 8.88
C LYS A 692 -22.06 -25.86 10.01
N PHE A 693 -21.03 -25.04 9.89
CA PHE A 693 -20.84 -23.94 10.83
C PHE A 693 -21.85 -22.85 10.53
N LYS A 694 -22.13 -21.99 11.51
CA LYS A 694 -23.07 -20.90 11.32
C LYS A 694 -22.63 -20.01 10.15
N LYS A 695 -23.57 -19.77 9.22
CA LYS A 695 -23.31 -18.97 8.02
C LYS A 695 -22.98 -17.52 8.38
N GLU A 696 -23.74 -16.93 9.29
CA GLU A 696 -23.51 -15.56 9.73
C GLU A 696 -22.46 -15.50 10.85
N ARG A 697 -21.32 -14.90 10.55
CA ARG A 697 -20.22 -14.82 11.51
C ARG A 697 -20.32 -13.59 12.39
N ASN A 698 -21.25 -13.62 13.35
CA ASN A 698 -21.50 -12.48 14.22
C ASN A 698 -21.10 -12.72 15.67
N LYS A 699 -20.27 -13.73 15.89
CA LYS A 699 -19.88 -14.11 17.24
C LYS A 699 -18.66 -13.32 17.73
N GLY A 700 -18.09 -12.50 16.86
CA GLY A 700 -16.96 -11.66 17.25
C GLY A 700 -15.60 -12.24 16.89
N TYR A 701 -14.61 -11.92 17.70
CA TYR A 701 -13.23 -12.28 17.42
C TYR A 701 -12.96 -13.78 17.41
N LYS A 702 -13.78 -14.56 18.11
CA LYS A 702 -13.54 -16.00 18.26
C LYS A 702 -13.59 -16.75 16.93
N HIS A 703 -14.15 -16.12 15.90
CA HIS A 703 -14.21 -16.73 14.58
C HIS A 703 -12.82 -16.98 14.00
N HIS A 704 -11.86 -16.14 14.37
CA HIS A 704 -10.49 -16.32 13.93
C HIS A 704 -9.89 -17.58 14.55
N ALA A 705 -10.15 -17.78 15.84
CA ALA A 705 -9.68 -18.98 16.53
C ALA A 705 -10.47 -20.19 16.05
N GLU A 706 -11.74 -19.97 15.74
CA GLU A 706 -12.60 -21.01 15.18
C GLU A 706 -12.05 -21.48 13.84
N ASP A 707 -11.61 -20.53 13.02
CA ASP A 707 -11.02 -20.85 11.71
C ASP A 707 -9.75 -21.67 11.88
N ALA A 708 -8.89 -21.25 12.80
CA ALA A 708 -7.63 -21.93 13.04
C ALA A 708 -7.83 -23.38 13.48
N LEU A 709 -8.91 -23.63 14.21
CA LEU A 709 -9.27 -24.97 14.63
C LEU A 709 -9.70 -25.82 13.44
N ILE A 710 -10.45 -25.19 12.53
CA ILE A 710 -10.85 -25.84 11.29
C ILE A 710 -9.62 -26.13 10.43
N ILE A 711 -8.70 -25.16 10.39
CA ILE A 711 -7.43 -25.35 9.69
C ILE A 711 -6.62 -26.49 10.31
N ALA A 712 -6.60 -26.54 11.64
CA ALA A 712 -5.88 -27.60 12.35
C ALA A 712 -6.53 -28.95 12.10
N ASN A 713 -7.86 -28.96 12.02
CA ASN A 713 -8.60 -30.19 11.75
C ASN A 713 -8.33 -30.71 10.35
N ALA A 714 -8.12 -29.80 9.40
CA ALA A 714 -7.79 -30.18 8.04
C ALA A 714 -6.44 -30.90 8.00
N ASP A 715 -5.47 -30.38 8.73
CA ASP A 715 -4.17 -31.02 8.84
C ASP A 715 -4.30 -32.44 9.39
N PHE A 716 -5.19 -32.59 10.37
CA PHE A 716 -5.44 -33.89 10.99
C PHE A 716 -5.95 -34.90 9.98
N ILE A 717 -6.92 -34.48 9.17
CA ILE A 717 -7.52 -35.33 8.16
C ILE A 717 -6.47 -35.83 7.15
N PHE A 718 -5.56 -34.94 6.76
CA PHE A 718 -4.54 -35.29 5.77
C PHE A 718 -3.50 -36.26 6.30
N LYS A 719 -3.33 -36.32 7.62
CA LYS A 719 -2.38 -37.25 8.20
C LYS A 719 -3.07 -38.55 8.63
N GLU A 720 -4.39 -38.55 8.61
CA GLU A 720 -5.17 -39.72 9.02
C GLU A 720 -5.27 -40.78 7.93
N TRP A 721 -5.50 -40.35 6.70
CA TRP A 721 -5.76 -41.27 5.60
C TRP A 721 -4.50 -41.62 4.82
N LYS A 722 -4.48 -42.84 4.26
CA LYS A 722 -3.37 -43.27 3.44
C LYS A 722 -3.57 -42.84 2.00
N LYS A 723 -4.82 -42.60 1.63
CA LYS A 723 -5.16 -42.10 0.30
C LYS A 723 -4.75 -40.63 0.17
N LEU A 724 -4.59 -39.96 1.31
CA LEU A 724 -4.21 -38.55 1.32
C LEU A 724 -2.71 -38.40 1.56
N ASP A 725 -2.00 -39.52 1.67
CA ASP A 725 -0.56 -39.50 1.96
C ASP A 725 0.22 -38.88 0.80
N LYS A 726 -0.28 -39.07 -0.43
CA LYS A 726 0.36 -38.49 -1.60
C LYS A 726 0.24 -36.97 -1.56
N ALA A 727 -0.96 -36.49 -1.26
CA ALA A 727 -1.22 -35.05 -1.19
C ALA A 727 -0.57 -34.43 0.04
N LYS A 728 -0.60 -35.14 1.15
CA LYS A 728 0.02 -34.66 2.39
C LYS A 728 1.52 -34.45 2.20
N LYS A 729 2.14 -35.36 1.47
CA LYS A 729 3.56 -35.29 1.18
C LYS A 729 3.92 -34.01 0.41
N VAL A 730 3.08 -33.64 -0.54
CA VAL A 730 3.30 -32.45 -1.37
C VAL A 730 3.13 -31.18 -0.54
N MET A 731 2.14 -31.18 0.35
CA MET A 731 1.87 -30.03 1.21
C MET A 731 3.05 -29.77 2.15
N GLU A 732 3.67 -30.85 2.61
CA GLU A 732 4.82 -30.74 3.53
C GLU A 732 6.13 -30.64 2.74
N ASN A 733 6.02 -30.72 1.41
CA ASN A 733 7.15 -30.55 0.50
C ASN A 733 8.31 -31.53 0.77
N GLN A 734 7.97 -32.79 1.00
CA GLN A 734 8.96 -33.84 1.19
C GLN A 734 9.19 -34.60 -0.10
N MET A 735 10.45 -34.95 -0.38
CA MET A 735 10.79 -35.66 -1.60
C MET A 735 10.18 -37.05 -1.66
N PHE A 736 9.95 -37.55 -2.87
CA PHE A 736 9.41 -38.88 -3.08
C PHE A 736 10.50 -39.88 -3.43
N MET A 744 0.83 -46.13 -5.22
CA MET A 744 0.49 -45.37 -4.03
C MET A 744 -1.03 -45.15 -3.93
N PRO A 745 -1.57 -45.22 -2.71
CA PRO A 745 -3.00 -45.00 -2.49
C PRO A 745 -3.46 -43.61 -2.92
N GLU A 746 -4.67 -43.52 -3.45
CA GLU A 746 -5.23 -42.24 -3.89
C GLU A 746 -6.76 -42.27 -3.88
N ILE A 747 -7.38 -41.10 -3.81
CA ILE A 747 -8.82 -40.98 -3.91
C ILE A 747 -9.25 -41.29 -5.34
N GLU A 748 -10.16 -42.24 -5.52
CA GLU A 748 -10.50 -42.73 -6.85
C GLU A 748 -11.78 -42.15 -7.45
N THR A 749 -12.70 -41.71 -6.60
CA THR A 749 -13.99 -41.19 -7.08
C THR A 749 -14.46 -39.92 -6.38
N GLU A 750 -15.53 -39.33 -6.92
CA GLU A 750 -16.17 -38.16 -6.33
C GLU A 750 -16.79 -38.50 -4.97
N GLN A 751 -17.37 -39.69 -4.87
CA GLN A 751 -18.06 -40.10 -3.65
C GLN A 751 -17.08 -40.35 -2.52
N GLU A 752 -15.94 -40.98 -2.83
CA GLU A 752 -14.87 -41.18 -1.86
C GLU A 752 -14.39 -39.85 -1.30
N TYR A 753 -14.26 -38.86 -2.18
CA TYR A 753 -13.79 -37.54 -1.81
C TYR A 753 -14.66 -36.91 -0.74
N LYS A 754 -15.98 -37.05 -0.90
CA LYS A 754 -16.93 -36.48 0.06
C LYS A 754 -16.83 -37.16 1.42
N GLU A 755 -16.69 -38.49 1.42
CA GLU A 755 -16.58 -39.27 2.65
C GLU A 755 -15.45 -38.79 3.54
N ILE A 756 -14.32 -38.47 2.92
CA ILE A 756 -13.12 -38.10 3.64
C ILE A 756 -13.20 -36.70 4.25
N PHE A 757 -13.74 -35.74 3.50
CA PHE A 757 -13.73 -34.36 3.93
C PHE A 757 -15.05 -33.87 4.53
N ILE A 758 -16.17 -34.23 3.93
CA ILE A 758 -17.47 -33.84 4.48
C ILE A 758 -17.80 -34.69 5.71
N THR A 759 -17.29 -34.27 6.86
CA THR A 759 -17.54 -34.96 8.12
C THR A 759 -18.03 -34.01 9.20
N PRO A 760 -19.28 -33.54 9.09
CA PRO A 760 -19.84 -32.55 10.00
C PRO A 760 -20.00 -33.07 11.44
N HIS A 761 -20.30 -34.35 11.59
CA HIS A 761 -20.57 -34.91 12.91
C HIS A 761 -19.30 -35.31 13.67
N GLN A 762 -18.15 -35.05 13.05
CA GLN A 762 -16.87 -35.42 13.66
C GLN A 762 -16.12 -34.20 14.17
N ILE A 763 -16.75 -33.03 14.09
CA ILE A 763 -16.13 -31.78 14.51
C ILE A 763 -17.03 -30.99 15.45
N LYS A 764 -17.91 -31.69 16.16
CA LYS A 764 -18.77 -31.05 17.15
C LYS A 764 -17.93 -30.50 18.30
N HIS A 765 -16.73 -31.05 18.46
CA HIS A 765 -15.82 -30.65 19.53
C HIS A 765 -15.41 -29.19 19.38
N ILE A 766 -15.23 -28.76 18.13
CA ILE A 766 -14.86 -27.40 17.81
C ILE A 766 -15.95 -26.40 18.19
N LYS A 767 -17.18 -26.70 17.77
CA LYS A 767 -18.33 -25.84 18.04
C LYS A 767 -18.63 -25.74 19.54
N ASP A 768 -18.52 -26.87 20.24
CA ASP A 768 -18.83 -26.92 21.67
C ASP A 768 -17.80 -26.18 22.51
N PHE A 769 -16.60 -26.00 21.97
CA PHE A 769 -15.52 -25.33 22.69
C PHE A 769 -15.90 -23.90 23.06
N LYS A 770 -15.68 -23.57 24.33
CA LYS A 770 -16.05 -22.25 24.85
C LYS A 770 -15.02 -21.72 25.84
N ASP A 771 -13.74 -21.86 25.49
CA ASP A 771 -12.65 -21.38 26.34
C ASP A 771 -11.66 -20.56 25.53
N TYR A 772 -12.18 -19.74 24.62
CA TYR A 772 -11.35 -18.88 23.78
C TYR A 772 -10.63 -17.82 24.60
N LYS A 773 -9.43 -17.45 24.17
CA LYS A 773 -8.67 -16.37 24.81
C LYS A 773 -8.44 -15.24 23.81
N TYR A 774 -8.22 -14.04 24.32
CA TYR A 774 -8.05 -12.88 23.45
C TYR A 774 -6.87 -12.02 23.89
N SER A 775 -6.04 -11.63 22.93
CA SER A 775 -4.90 -10.76 23.21
C SER A 775 -4.94 -9.52 22.32
N HIS A 776 -5.00 -8.36 22.96
CA HIS A 776 -5.01 -7.08 22.24
C HIS A 776 -3.67 -6.40 22.36
N ARG A 777 -3.08 -6.04 21.22
CA ARG A 777 -1.79 -5.37 21.21
C ARG A 777 -1.89 -3.97 21.82
N VAL A 778 -1.04 -3.70 22.81
CA VAL A 778 -1.06 -2.42 23.50
C VAL A 778 -0.14 -1.40 22.84
N ASP A 779 -0.66 -0.20 22.60
CA ASP A 779 0.13 0.88 22.00
C ASP A 779 0.63 1.85 23.07
N LYS A 780 1.95 1.99 23.15
CA LYS A 780 2.59 2.88 24.12
C LYS A 780 3.53 3.89 23.46
N LYS A 781 3.44 4.02 22.15
CA LYS A 781 4.37 4.87 21.41
C LYS A 781 4.15 6.35 21.68
N PRO A 782 5.19 7.03 22.17
CA PRO A 782 5.16 8.49 22.32
C PRO A 782 5.35 9.17 20.98
N ASN A 783 4.99 10.46 20.91
CA ASN A 783 5.13 11.26 19.70
C ASN A 783 4.41 10.67 18.49
N ARG A 784 3.14 10.32 18.68
CA ARG A 784 2.24 10.11 17.55
C ARG A 784 1.64 11.47 17.21
N GLU A 785 0.48 11.48 16.57
CA GLU A 785 -0.19 12.75 16.27
C GLU A 785 -0.52 13.47 17.57
N LEU A 786 -0.05 14.71 17.69
CA LEU A 786 -0.25 15.48 18.92
C LEU A 786 -1.61 16.16 18.97
N ILE A 787 -2.08 16.62 17.82
CA ILE A 787 -3.26 17.46 17.75
C ILE A 787 -3.76 17.61 16.31
N ASN A 788 -5.06 17.85 16.14
CA ASN A 788 -5.61 18.12 14.82
C ASN A 788 -5.03 19.38 14.19
N ASP A 789 -4.92 19.38 12.87
CA ASP A 789 -4.29 20.46 12.11
C ASP A 789 -5.11 21.75 12.06
N THR A 790 -6.43 21.62 11.97
CA THR A 790 -7.31 22.74 11.67
C THR A 790 -7.21 23.89 12.67
N LEU A 791 -7.03 25.11 12.16
CA LEU A 791 -7.01 26.31 12.99
C LEU A 791 -8.42 26.88 13.17
N TYR A 792 -8.74 27.27 14.40
CA TYR A 792 -10.05 27.83 14.71
C TYR A 792 -9.94 29.25 15.29
N SER A 793 -10.78 30.15 14.77
CA SER A 793 -10.91 31.47 15.36
C SER A 793 -11.93 31.40 16.49
N THR A 794 -11.94 32.41 17.35
CA THR A 794 -12.87 32.39 18.48
C THR A 794 -13.65 33.69 18.60
N ARG A 795 -14.74 33.64 19.36
CA ARG A 795 -15.53 34.83 19.67
C ARG A 795 -16.02 34.76 21.11
N LYS A 796 -16.29 35.93 21.70
CA LYS A 796 -16.86 36.01 23.04
C LYS A 796 -18.31 36.45 22.95
N ASP A 797 -19.21 35.65 23.51
CA ASP A 797 -20.62 36.04 23.55
C ASP A 797 -20.85 37.09 24.63
N ASP A 798 -22.09 37.57 24.74
CA ASP A 798 -22.43 38.57 25.74
C ASP A 798 -22.29 38.00 27.15
N LYS A 799 -22.41 36.68 27.27
CA LYS A 799 -22.32 36.00 28.56
C LYS A 799 -20.88 35.90 29.06
N GLY A 800 -19.91 36.05 28.16
CA GLY A 800 -18.51 36.00 28.56
C GLY A 800 -17.83 34.71 28.16
N ASN A 801 -18.58 33.83 27.51
CA ASN A 801 -18.04 32.56 27.03
C ASN A 801 -17.24 32.74 25.74
N THR A 802 -16.11 32.05 25.65
CA THR A 802 -15.35 32.01 24.42
C THR A 802 -15.89 30.88 23.55
N LEU A 803 -16.30 31.23 22.34
CA LEU A 803 -16.89 30.25 21.43
C LEU A 803 -15.99 29.96 20.23
N ILE A 804 -15.99 28.71 19.79
CA ILE A 804 -15.25 28.31 18.61
C ILE A 804 -16.00 28.76 17.35
N VAL A 805 -15.28 29.34 16.40
CA VAL A 805 -15.88 29.73 15.12
C VAL A 805 -15.64 28.66 14.06
N ASN A 806 -16.73 28.11 13.52
CA ASN A 806 -16.62 27.07 12.49
C ASN A 806 -16.97 27.59 11.10
N ASN A 807 -16.52 26.87 10.08
CA ASN A 807 -16.75 27.25 8.69
C ASN A 807 -17.62 26.25 7.94
N LEU A 808 -18.57 26.77 7.17
CA LEU A 808 -19.42 25.95 6.33
C LEU A 808 -19.00 26.10 4.88
N ASN A 809 -18.28 25.10 4.35
CA ASN A 809 -17.85 25.14 2.96
C ASN A 809 -18.63 24.13 2.13
N GLY A 810 -18.50 24.25 0.81
CA GLY A 810 -19.21 23.37 -0.10
C GLY A 810 -20.71 23.56 0.02
N LEU A 811 -21.16 24.81 0.04
CA LEU A 811 -22.57 25.12 0.20
C LEU A 811 -23.39 24.70 -1.01
N TYR A 812 -22.71 24.47 -2.13
CA TYR A 812 -23.42 24.15 -3.35
C TYR A 812 -23.25 22.68 -3.75
N ASP A 813 -22.77 21.86 -2.81
CA ASP A 813 -22.71 20.43 -3.04
C ASP A 813 -24.10 19.81 -2.88
N LYS A 814 -24.36 18.74 -3.64
CA LYS A 814 -25.69 18.15 -3.74
C LYS A 814 -26.16 17.54 -2.43
N ASP A 815 -25.26 16.80 -1.78
CA ASP A 815 -25.62 16.04 -0.58
C ASP A 815 -25.26 16.78 0.71
N ASN A 816 -25.01 18.09 0.60
CA ASN A 816 -24.65 18.89 1.75
C ASN A 816 -25.86 19.59 2.37
N ASP A 817 -26.37 19.05 3.46
CA ASP A 817 -27.54 19.60 4.12
C ASP A 817 -27.18 20.34 5.41
N LYS A 818 -25.89 20.60 5.60
CA LYS A 818 -25.41 21.21 6.83
C LYS A 818 -26.00 22.59 7.05
N LEU A 819 -26.16 23.36 5.97
CA LEU A 819 -26.71 24.70 6.07
C LEU A 819 -28.21 24.69 6.34
N LYS A 820 -28.92 23.76 5.69
CA LYS A 820 -30.37 23.65 5.85
C LYS A 820 -30.74 23.32 7.29
N LYS A 821 -30.05 22.34 7.86
CA LYS A 821 -30.29 21.94 9.24
C LYS A 821 -29.89 23.04 10.21
N LEU A 822 -28.84 23.78 9.86
CA LEU A 822 -28.32 24.83 10.71
C LEU A 822 -29.31 25.99 10.86
N ILE A 823 -29.89 26.42 9.73
CA ILE A 823 -30.83 27.53 9.75
C ILE A 823 -32.15 27.13 10.40
N ASN A 824 -32.61 25.91 10.15
CA ASN A 824 -33.86 25.43 10.73
C ASN A 824 -33.78 25.29 12.25
N LYS A 825 -32.60 24.90 12.73
CA LYS A 825 -32.41 24.66 14.16
C LYS A 825 -31.86 25.89 14.88
N SER A 826 -30.81 26.49 14.33
CA SER A 826 -30.14 27.59 15.00
C SER A 826 -29.61 28.64 14.02
N PRO A 827 -30.49 29.56 13.60
CA PRO A 827 -30.08 30.65 12.70
C PRO A 827 -29.13 31.62 13.39
N GLU A 828 -29.29 31.78 14.70
CA GLU A 828 -28.50 32.73 15.46
C GLU A 828 -27.02 32.34 15.55
N LYS A 829 -26.71 31.10 15.19
CA LYS A 829 -25.32 30.64 15.20
C LYS A 829 -24.53 31.25 14.05
N LEU A 830 -25.22 31.57 12.96
CA LEU A 830 -24.59 32.25 11.83
C LEU A 830 -24.13 33.63 12.24
N LEU A 831 -22.86 33.95 12.01
CA LEU A 831 -22.37 35.29 12.26
C LEU A 831 -23.08 36.28 11.34
N MET A 832 -23.51 35.78 10.18
CA MET A 832 -24.20 36.58 9.19
C MET A 832 -25.61 36.96 9.66
N TYR A 833 -26.08 36.29 10.70
CA TYR A 833 -27.38 36.58 11.28
C TYR A 833 -27.34 37.86 12.10
N HIS A 834 -26.15 38.20 12.60
CA HIS A 834 -25.99 39.38 13.46
C HIS A 834 -25.41 40.55 12.70
N HIS A 835 -24.40 40.27 11.86
CA HIS A 835 -23.82 41.29 10.99
C HIS A 835 -24.32 41.01 9.58
N ASP A 836 -24.59 42.07 8.82
CA ASP A 836 -25.10 41.94 7.45
C ASP A 836 -26.37 41.08 7.39
N PRO A 837 -27.44 41.54 8.07
CA PRO A 837 -28.67 40.75 8.12
C PRO A 837 -29.42 40.78 6.79
N GLN A 838 -29.10 41.77 5.96
CA GLN A 838 -29.68 41.90 4.64
C GLN A 838 -29.32 40.70 3.78
N THR A 839 -28.10 40.21 3.95
CA THR A 839 -27.64 39.02 3.24
C THR A 839 -28.30 37.76 3.82
N TYR A 840 -28.49 37.74 5.13
CA TYR A 840 -29.14 36.60 5.78
C TYR A 840 -30.57 36.43 5.27
N GLN A 841 -31.31 37.52 5.21
CA GLN A 841 -32.68 37.50 4.69
C GLN A 841 -32.68 37.04 3.25
N LYS A 842 -31.67 37.45 2.51
CA LYS A 842 -31.49 37.05 1.13
C LYS A 842 -31.23 35.54 1.04
N LEU A 843 -30.46 35.03 1.99
CA LEU A 843 -30.18 33.59 2.06
C LEU A 843 -31.43 32.81 2.47
N LYS A 844 -32.11 33.30 3.50
CA LYS A 844 -33.29 32.61 4.02
C LYS A 844 -34.35 32.41 2.95
N LEU A 845 -34.47 33.39 2.04
CA LEU A 845 -35.39 33.29 0.92
C LEU A 845 -35.07 32.03 0.11
N ILE A 846 -33.81 31.92 -0.33
CA ILE A 846 -33.35 30.75 -1.06
C ILE A 846 -33.63 29.47 -0.27
N MET A 847 -33.41 29.52 1.03
CA MET A 847 -33.59 28.36 1.90
C MET A 847 -35.05 27.89 1.94
N GLU A 848 -35.96 28.84 2.07
CA GLU A 848 -37.39 28.54 2.17
C GLU A 848 -37.96 27.95 0.87
N GLN A 849 -37.45 28.44 -0.26
CA GLN A 849 -37.99 28.04 -1.56
C GLN A 849 -37.67 26.60 -1.94
N TYR A 850 -36.53 26.09 -1.48
CA TYR A 850 -36.12 24.74 -1.82
C TYR A 850 -35.99 23.86 -0.58
N GLY A 851 -36.89 24.05 0.38
CA GLY A 851 -36.88 23.30 1.63
C GLY A 851 -36.88 21.79 1.45
N ASP A 852 -37.61 21.31 0.45
CA ASP A 852 -37.69 19.88 0.18
C ASP A 852 -36.35 19.33 -0.31
N GLU A 853 -35.63 20.14 -1.08
CA GLU A 853 -34.31 19.75 -1.56
C GLU A 853 -33.32 19.66 -0.42
N LYS A 854 -32.40 18.71 -0.51
CA LYS A 854 -31.40 18.49 0.52
C LYS A 854 -30.56 19.75 0.71
N ASN A 855 -30.16 20.35 -0.40
CA ASN A 855 -29.41 21.59 -0.37
C ASN A 855 -30.08 22.63 -1.27
N PRO A 856 -30.80 23.58 -0.65
CA PRO A 856 -31.47 24.67 -1.37
C PRO A 856 -30.50 25.48 -2.22
N LEU A 857 -29.25 25.54 -1.78
CA LEU A 857 -28.22 26.28 -2.50
C LEU A 857 -27.75 25.52 -3.73
N TYR A 858 -27.86 24.18 -3.69
CA TYR A 858 -27.49 23.36 -4.84
C TYR A 858 -28.49 23.50 -5.98
N LYS A 859 -29.75 23.21 -5.67
CA LYS A 859 -30.82 23.28 -6.67
C LYS A 859 -30.92 24.66 -7.29
N TYR A 860 -30.71 25.70 -6.47
CA TYR A 860 -30.70 27.08 -6.95
C TYR A 860 -29.66 27.23 -8.06
N TYR A 861 -28.38 27.10 -7.70
CA TYR A 861 -27.28 27.22 -8.67
C TYR A 861 -27.43 26.25 -9.84
N GLU A 862 -27.99 25.08 -9.60
CA GLU A 862 -28.21 24.11 -10.66
C GLU A 862 -29.19 24.65 -11.70
N GLU A 863 -30.15 25.46 -11.23
CA GLU A 863 -31.16 26.03 -12.10
C GLU A 863 -30.75 27.40 -12.66
N THR A 864 -30.26 28.29 -11.81
CA THR A 864 -29.93 29.65 -12.25
C THR A 864 -28.50 29.77 -12.81
N GLY A 865 -27.60 28.90 -12.37
CA GLY A 865 -26.22 28.96 -12.80
C GLY A 865 -25.49 30.09 -12.09
N ASN A 866 -26.11 30.57 -11.02
CA ASN A 866 -25.57 31.69 -10.26
C ASN A 866 -25.55 31.36 -8.77
N TYR A 867 -24.58 31.93 -8.06
CA TYR A 867 -24.42 31.66 -6.64
C TYR A 867 -25.07 32.75 -5.81
N LEU A 868 -25.23 32.49 -4.51
CA LEU A 868 -25.73 33.50 -3.60
C LEU A 868 -24.68 34.60 -3.42
N THR A 869 -25.10 35.84 -3.63
CA THR A 869 -24.21 36.99 -3.50
C THR A 869 -24.58 37.84 -2.29
N LYS A 870 -23.57 38.42 -1.64
CA LYS A 870 -23.79 39.34 -0.55
C LYS A 870 -24.66 40.51 -1.00
N TYR A 871 -25.54 40.97 -0.13
CA TYR A 871 -26.48 42.04 -0.48
C TYR A 871 -25.76 43.31 -0.92
N SER A 872 -26.24 43.86 -2.03
CA SER A 872 -25.78 45.16 -2.51
C SER A 872 -26.90 45.79 -3.30
N LYS A 873 -27.09 47.09 -3.11
CA LYS A 873 -28.14 47.81 -3.82
C LYS A 873 -27.86 47.84 -5.32
N LYS A 874 -26.58 47.80 -5.69
CA LYS A 874 -26.19 47.84 -7.09
C LYS A 874 -26.15 46.44 -7.71
N ASP A 875 -26.58 45.44 -6.95
CA ASP A 875 -26.57 44.04 -7.37
C ASP A 875 -25.18 43.61 -7.85
N ASN A 876 -24.16 44.16 -7.22
CA ASN A 876 -22.78 43.93 -7.62
C ASN A 876 -21.95 43.32 -6.48
N GLY A 877 -22.65 42.79 -5.48
CA GLY A 877 -22.00 42.18 -4.33
C GLY A 877 -21.22 40.94 -4.69
N PRO A 878 -20.25 40.57 -3.83
CA PRO A 878 -19.40 39.40 -4.05
C PRO A 878 -20.11 38.09 -3.74
N VAL A 879 -19.64 37.01 -4.36
CA VAL A 879 -20.17 35.67 -4.12
C VAL A 879 -19.86 35.23 -2.69
N ILE A 880 -20.74 34.41 -2.11
CA ILE A 880 -20.49 33.84 -0.79
C ILE A 880 -20.00 32.40 -0.96
N LYS A 881 -18.73 32.16 -0.63
CA LYS A 881 -18.11 30.86 -0.86
C LYS A 881 -18.07 30.01 0.41
N LYS A 882 -18.24 30.64 1.56
CA LYS A 882 -18.31 29.93 2.84
C LYS A 882 -18.89 30.83 3.93
N ILE A 883 -19.53 30.22 4.92
CA ILE A 883 -20.22 30.96 5.96
C ILE A 883 -19.74 30.59 7.36
N LYS A 884 -19.35 31.60 8.14
CA LYS A 884 -18.91 31.36 9.51
C LYS A 884 -20.12 31.19 10.43
N TYR A 885 -19.98 30.31 11.41
CA TYR A 885 -21.01 30.16 12.42
C TYR A 885 -20.40 29.78 13.77
N TYR A 886 -21.09 30.12 14.84
CA TYR A 886 -20.61 29.82 16.20
C TYR A 886 -20.71 28.34 16.51
N GLY A 887 -19.63 27.78 17.04
CA GLY A 887 -19.61 26.38 17.43
C GLY A 887 -19.78 26.21 18.93
N ASN A 888 -19.21 25.13 19.46
CA ASN A 888 -19.32 24.84 20.89
C ASN A 888 -18.48 25.79 21.74
N LYS A 889 -18.75 25.81 23.03
CA LYS A 889 -17.97 26.63 23.95
C LYS A 889 -16.55 26.09 24.04
N LEU A 890 -15.56 26.99 24.05
CA LEU A 890 -14.16 26.57 24.08
C LEU A 890 -13.80 25.95 25.43
N ASN A 891 -13.17 24.78 25.38
CA ASN A 891 -12.69 24.12 26.59
C ASN A 891 -11.28 23.61 26.41
N ALA A 892 -11.14 22.30 26.27
CA ALA A 892 -9.86 21.69 25.95
C ALA A 892 -9.38 22.20 24.61
N HIS A 893 -8.20 22.81 24.58
CA HIS A 893 -7.67 23.41 23.37
C HIS A 893 -6.18 23.71 23.48
N LEU A 894 -5.58 24.10 22.36
CA LEU A 894 -4.20 24.56 22.34
C LEU A 894 -4.17 26.01 21.90
N ASP A 895 -3.76 26.90 22.80
CA ASP A 895 -3.69 28.31 22.51
C ASP A 895 -2.44 28.65 21.72
N ILE A 896 -2.63 29.09 20.49
CA ILE A 896 -1.52 29.46 19.62
C ILE A 896 -1.72 30.89 19.12
N THR A 897 -2.37 31.72 19.94
CA THR A 897 -2.67 33.09 19.56
C THR A 897 -1.41 33.92 19.41
N ASP A 898 -0.39 33.60 20.21
CA ASP A 898 0.87 34.36 20.19
C ASP A 898 1.54 34.33 18.81
N ASP A 899 1.28 33.30 18.03
CA ASP A 899 1.83 33.19 16.68
C ASP A 899 1.23 34.24 15.75
N TYR A 900 0.11 34.83 16.19
CA TYR A 900 -0.60 35.81 15.38
C TYR A 900 -0.73 37.11 16.17
N PRO A 901 0.04 38.13 15.79
CA PRO A 901 0.19 39.37 16.56
C PRO A 901 -0.98 40.34 16.37
N ASN A 902 -1.33 41.02 17.46
CA ASN A 902 -2.46 41.94 17.50
C ASN A 902 -3.77 41.29 17.04
N SER A 903 -3.89 39.98 17.24
CA SER A 903 -5.14 39.28 16.96
C SER A 903 -6.18 39.63 18.01
N ARG A 904 -7.35 40.09 17.55
CA ARG A 904 -8.41 40.48 18.46
C ARG A 904 -8.93 39.28 19.27
N ASN A 905 -8.94 38.09 18.65
CA ASN A 905 -9.48 36.92 19.32
C ASN A 905 -8.46 35.79 19.47
N LYS A 906 -8.76 34.84 20.34
CA LYS A 906 -7.94 33.63 20.50
C LYS A 906 -7.91 32.82 19.21
N VAL A 907 -6.75 32.28 18.88
CA VAL A 907 -6.63 31.32 17.78
C VAL A 907 -6.20 29.98 18.36
N VAL A 908 -6.98 28.93 18.08
CA VAL A 908 -6.76 27.64 18.72
C VAL A 908 -6.67 26.45 17.77
N LYS A 909 -6.04 25.38 18.24
CA LYS A 909 -6.16 24.07 17.62
C LYS A 909 -6.95 23.17 18.56
N LEU A 910 -7.56 22.12 18.04
CA LEU A 910 -8.44 21.27 18.85
C LEU A 910 -8.07 19.80 18.83
N SER A 911 -8.71 19.04 19.72
CA SER A 911 -8.49 17.61 19.89
C SER A 911 -7.07 17.32 20.36
N LEU A 912 -6.90 17.33 21.68
CA LEU A 912 -5.60 17.08 22.30
C LEU A 912 -5.41 15.59 22.52
N LYS A 913 -4.72 14.94 21.59
CA LYS A 913 -4.56 13.49 21.60
C LYS A 913 -3.88 12.99 22.87
N PRO A 914 -4.56 12.11 23.61
CA PRO A 914 -4.07 11.57 24.89
C PRO A 914 -3.07 10.42 24.74
N TYR A 915 -2.01 10.45 25.53
CA TYR A 915 -1.03 9.36 25.54
C TYR A 915 -1.51 8.22 26.42
N ARG A 916 -1.93 8.57 27.64
CA ARG A 916 -2.44 7.59 28.61
C ARG A 916 -3.13 8.32 29.76
N PHE A 917 -3.75 7.57 30.67
CA PHE A 917 -4.27 8.17 31.90
C PHE A 917 -3.86 7.36 33.12
N ASP A 918 -3.51 8.08 34.19
CA ASP A 918 -3.06 7.45 35.43
C ASP A 918 -4.14 7.55 36.50
N VAL A 919 -4.60 6.40 36.97
CA VAL A 919 -5.67 6.35 37.96
C VAL A 919 -5.13 6.49 39.38
N TYR A 920 -5.74 7.37 40.15
CA TYR A 920 -5.40 7.54 41.56
C TYR A 920 -6.60 7.21 42.45
N LEU A 921 -6.33 6.61 43.61
CA LEU A 921 -7.37 6.44 44.61
C LEU A 921 -7.18 7.51 45.68
N ASP A 922 -8.08 8.49 45.70
CA ASP A 922 -7.96 9.65 46.57
C ASP A 922 -9.09 9.73 47.61
N ASN A 923 -8.77 9.38 48.85
CA ASN A 923 -9.75 9.40 49.93
C ASN A 923 -11.02 8.62 49.59
N GLY A 924 -10.85 7.41 49.08
CA GLY A 924 -11.98 6.55 48.75
C GLY A 924 -12.68 6.90 47.45
N VAL A 925 -12.11 7.84 46.70
CA VAL A 925 -12.67 8.27 45.43
C VAL A 925 -11.66 8.13 44.29
N TYR A 926 -12.08 7.48 43.21
CA TYR A 926 -11.20 7.30 42.06
C TYR A 926 -11.14 8.54 41.17
N LYS A 927 -9.92 8.97 40.86
CA LYS A 927 -9.70 10.06 39.92
C LYS A 927 -8.57 9.64 38.99
N PHE A 928 -8.41 10.35 37.88
CA PHE A 928 -7.31 10.05 36.98
C PHE A 928 -6.70 11.30 36.35
N VAL A 929 -5.42 11.20 36.02
CA VAL A 929 -4.70 12.29 35.35
C VAL A 929 -4.51 11.96 33.88
N THR A 930 -4.91 12.87 32.99
CA THR A 930 -4.77 12.63 31.56
C THR A 930 -3.40 13.11 31.06
N VAL A 931 -2.59 12.18 30.57
CA VAL A 931 -1.30 12.53 29.99
C VAL A 931 -1.45 12.68 28.49
N LYS A 932 -1.27 13.92 28.01
CA LYS A 932 -1.42 14.20 26.58
C LYS A 932 -0.13 13.89 25.82
N ASN A 933 -0.25 13.70 24.50
CA ASN A 933 0.93 13.51 23.68
C ASN A 933 1.80 14.77 23.71
N LEU A 934 1.13 15.92 23.90
CA LEU A 934 1.80 17.21 24.00
C LEU A 934 2.65 17.33 25.26
N ASP A 935 2.38 16.47 26.24
CA ASP A 935 3.08 16.52 27.52
C ASP A 935 4.28 15.57 27.58
N VAL A 936 4.41 14.71 26.58
CA VAL A 936 5.59 13.85 26.47
C VAL A 936 6.64 14.52 25.60
N ILE A 937 7.81 14.78 26.18
CA ILE A 937 8.87 15.52 25.49
C ILE A 937 10.05 14.63 25.11
N LYS A 938 10.58 14.80 23.91
CA LYS A 938 11.68 13.97 23.46
C LYS A 938 13.04 14.50 23.92
N LYS A 939 13.89 13.58 24.36
CA LYS A 939 15.30 13.87 24.58
C LYS A 939 16.07 12.98 23.61
N GLU A 940 17.37 13.21 23.49
CA GLU A 940 18.20 12.54 22.48
C GLU A 940 18.06 11.02 22.47
N ASN A 941 17.84 10.43 23.64
CA ASN A 941 17.79 8.98 23.75
C ASN A 941 16.51 8.46 24.37
N TYR A 942 15.62 9.36 24.78
CA TYR A 942 14.44 8.96 25.53
C TYR A 942 13.34 10.03 25.57
N TYR A 943 12.12 9.59 25.83
CA TYR A 943 11.00 10.50 26.03
C TYR A 943 10.69 10.63 27.52
N GLU A 944 10.30 11.83 27.94
CA GLU A 944 9.92 12.03 29.34
C GLU A 944 8.66 12.88 29.46
N VAL A 945 7.87 12.58 30.50
CA VAL A 945 6.67 13.33 30.79
C VAL A 945 7.01 14.64 31.50
N ASN A 946 6.40 15.74 31.08
CA ASN A 946 6.65 17.03 31.71
C ASN A 946 6.10 17.05 33.14
N SER A 947 7.00 17.15 34.12
CA SER A 947 6.60 17.17 35.52
C SER A 947 5.77 18.40 35.86
N LYS A 948 6.10 19.52 35.23
CA LYS A 948 5.34 20.76 35.43
C LYS A 948 3.93 20.63 34.88
N ALA A 949 3.77 19.86 33.80
CA ALA A 949 2.46 19.61 33.23
C ALA A 949 1.69 18.60 34.07
N TYR A 950 2.39 17.57 34.56
CA TYR A 950 1.77 16.51 35.33
C TYR A 950 1.23 17.03 36.66
N GLU A 951 2.06 17.80 37.37
CA GLU A 951 1.67 18.37 38.65
C GLU A 951 0.50 19.35 38.48
N GLU A 952 0.56 20.14 37.41
CA GLU A 952 -0.50 21.07 37.08
C GLU A 952 -1.80 20.31 36.84
N ALA A 953 -1.70 19.21 36.10
CA ALA A 953 -2.86 18.36 35.82
C ALA A 953 -3.36 17.70 37.11
N LYS A 954 -2.41 17.35 37.98
CA LYS A 954 -2.74 16.76 39.27
C LYS A 954 -3.53 17.75 40.12
N LYS A 955 -3.20 19.03 40.00
CA LYS A 955 -3.89 20.07 40.76
C LYS A 955 -5.28 20.36 40.19
N LEU A 956 -5.37 20.39 38.87
CA LEU A 956 -6.66 20.66 38.22
C LEU A 956 -7.65 19.51 38.44
N LYS A 957 -7.14 18.33 38.73
CA LYS A 957 -7.98 17.17 39.01
C LYS A 957 -8.27 17.03 40.50
N LYS A 958 -7.75 17.98 41.27
CA LYS A 958 -7.86 17.97 42.73
C LYS A 958 -7.31 16.69 43.36
N ILE A 959 -6.31 16.09 42.71
CA ILE A 959 -5.61 14.96 43.30
C ILE A 959 -4.79 15.46 44.49
N SER A 960 -4.81 14.71 45.59
CA SER A 960 -4.04 15.10 46.76
C SER A 960 -2.72 14.34 46.86
N ASN A 961 -1.82 14.86 47.68
CA ASN A 961 -0.53 14.23 47.92
C ASN A 961 -0.72 12.91 48.67
N GLN A 962 -1.83 12.82 49.40
CA GLN A 962 -2.17 11.61 50.15
C GLN A 962 -2.62 10.48 49.23
N ALA A 963 -3.22 10.85 48.11
CA ALA A 963 -3.74 9.88 47.14
C ALA A 963 -2.67 8.91 46.67
N GLU A 964 -3.05 7.64 46.50
CA GLU A 964 -2.09 6.65 46.02
C GLU A 964 -2.31 6.34 44.54
N PHE A 965 -1.19 6.27 43.81
CA PHE A 965 -1.19 5.90 42.41
C PHE A 965 -1.64 4.45 42.27
N ILE A 966 -2.58 4.19 41.37
CA ILE A 966 -3.10 2.84 41.17
C ILE A 966 -2.47 2.16 39.96
N ALA A 967 -2.67 2.74 38.78
CA ALA A 967 -2.14 2.17 37.56
C ALA A 967 -2.14 3.16 36.40
N SER A 968 -1.33 2.88 35.39
CA SER A 968 -1.35 3.64 34.14
C SER A 968 -2.10 2.84 33.08
N PHE A 969 -2.86 3.54 32.24
CA PHE A 969 -3.62 2.86 31.19
C PHE A 969 -3.36 3.42 29.80
N TYR A 970 -2.79 2.58 28.94
CA TYR A 970 -2.55 2.93 27.55
C TYR A 970 -3.64 2.33 26.68
N ASN A 971 -3.62 2.66 25.39
CA ASN A 971 -4.57 2.10 24.43
C ASN A 971 -4.51 0.57 24.40
N ASN A 972 -5.67 -0.06 24.53
CA ASN A 972 -5.84 -1.52 24.54
C ASN A 972 -5.30 -2.20 25.80
N ASP A 973 -4.99 -1.41 26.83
CA ASP A 973 -4.73 -1.99 28.14
C ASP A 973 -6.06 -2.47 28.70
N LEU A 974 -6.05 -3.54 29.48
CA LEU A 974 -7.28 -4.10 30.02
C LEU A 974 -7.66 -3.46 31.36
N ILE A 975 -8.91 -3.03 31.47
CA ILE A 975 -9.35 -2.34 32.69
C ILE A 975 -10.63 -2.98 33.25
N LYS A 976 -10.70 -3.12 34.58
CA LYS A 976 -11.88 -3.69 35.21
C LYS A 976 -12.61 -2.62 36.02
N ILE A 977 -13.65 -2.06 35.42
CA ILE A 977 -14.47 -1.05 36.08
C ILE A 977 -15.68 -1.71 36.73
N ASN A 978 -15.71 -1.68 38.07
CA ASN A 978 -16.81 -2.25 38.83
C ASN A 978 -17.06 -3.71 38.49
N GLY A 979 -15.98 -4.47 38.33
CA GLY A 979 -16.08 -5.90 38.14
C GLY A 979 -16.22 -6.34 36.69
N GLU A 980 -16.34 -5.38 35.78
CA GLU A 980 -16.46 -5.70 34.36
C GLU A 980 -15.19 -5.35 33.61
N LEU A 981 -14.69 -6.29 32.83
CA LEU A 981 -13.42 -6.13 32.12
C LEU A 981 -13.60 -5.58 30.71
N TYR A 982 -12.89 -4.50 30.41
CA TYR A 982 -12.93 -3.89 29.09
C TYR A 982 -11.52 -3.68 28.56
N ARG A 983 -11.42 -3.16 27.33
CA ARG A 983 -10.13 -2.71 26.81
C ARG A 983 -10.19 -1.20 26.57
N VAL A 984 -9.11 -0.51 26.96
CA VAL A 984 -9.06 0.94 26.89
C VAL A 984 -8.90 1.46 25.47
N ILE A 985 -9.76 2.41 25.09
CA ILE A 985 -9.55 3.16 23.87
C ILE A 985 -8.71 4.39 24.20
N GLY A 986 -9.17 5.18 25.16
CA GLY A 986 -8.45 6.36 25.59
C GLY A 986 -9.33 7.33 26.36
N VAL A 987 -8.77 8.46 26.77
CA VAL A 987 -9.53 9.45 27.50
C VAL A 987 -10.48 10.19 26.57
N ASN A 988 -11.78 10.03 26.78
CA ASN A 988 -12.79 10.71 25.97
C ASN A 988 -13.01 12.15 26.42
N ASN A 989 -12.88 12.40 27.71
CA ASN A 989 -13.10 13.73 28.27
C ASN A 989 -12.42 13.87 29.62
N ASP A 990 -11.30 14.57 29.64
CA ASP A 990 -10.55 14.78 30.87
C ASP A 990 -11.38 15.54 31.90
N LEU A 991 -11.93 16.67 31.49
CA LEU A 991 -12.72 17.52 32.38
C LEU A 991 -13.90 16.77 33.00
N LEU A 992 -14.61 15.99 32.20
CA LEU A 992 -15.78 15.25 32.68
C LEU A 992 -15.44 13.84 33.17
N ASN A 993 -14.15 13.55 33.28
CA ASN A 993 -13.67 12.24 33.74
C ASN A 993 -14.26 11.07 32.95
N ARG A 994 -14.37 11.23 31.65
CA ARG A 994 -14.94 10.20 30.81
C ARG A 994 -13.86 9.51 29.98
N ILE A 995 -13.70 8.21 30.16
CA ILE A 995 -12.79 7.44 29.33
C ILE A 995 -13.58 6.49 28.44
N GLU A 996 -13.08 6.25 27.24
CA GLU A 996 -13.75 5.35 26.30
C GLU A 996 -13.11 3.97 26.27
N VAL A 997 -13.94 2.93 26.37
CA VAL A 997 -13.46 1.56 26.30
C VAL A 997 -14.23 0.78 25.25
N ASN A 998 -13.87 -0.49 25.07
CA ASN A 998 -14.58 -1.37 24.15
C ASN A 998 -14.56 -2.80 24.67
N MET A 999 -15.35 -3.68 24.05
CA MET A 999 -15.42 -5.07 24.49
C MET A 999 -14.22 -5.88 23.98
N ILE A 1000 -13.89 -6.94 24.70
CA ILE A 1000 -12.68 -7.70 24.42
C ILE A 1000 -12.89 -8.83 23.41
N ASP A 1001 -14.03 -9.51 23.50
CA ASP A 1001 -14.30 -10.65 22.64
C ASP A 1001 -15.04 -10.25 21.37
N ILE A 1002 -15.36 -8.97 21.24
CA ILE A 1002 -16.17 -8.46 20.14
C ILE A 1002 -16.15 -6.94 20.14
N THR A 1003 -16.47 -6.32 19.01
CA THR A 1003 -16.65 -4.87 19.00
C THR A 1003 -17.99 -4.53 19.62
N TYR A 1004 -18.06 -3.40 20.30
CA TYR A 1004 -19.30 -2.98 20.94
C TYR A 1004 -20.36 -2.68 19.88
N ARG A 1005 -19.90 -2.23 18.72
CA ARG A 1005 -20.78 -1.91 17.60
C ARG A 1005 -21.54 -3.16 17.15
N GLU A 1006 -20.83 -4.27 17.02
CA GLU A 1006 -21.42 -5.53 16.58
C GLU A 1006 -22.26 -6.14 17.69
N TYR A 1007 -21.84 -5.94 18.94
CA TYR A 1007 -22.58 -6.46 20.08
C TYR A 1007 -23.99 -5.89 20.13
N LEU A 1008 -24.13 -4.61 19.81
CA LEU A 1008 -25.44 -3.97 19.79
C LEU A 1008 -26.27 -4.43 18.59
N GLU A 1009 -25.60 -4.71 17.47
CA GLU A 1009 -26.28 -5.21 16.28
C GLU A 1009 -26.89 -6.58 16.55
N ASN A 1010 -26.15 -7.44 17.26
CA ASN A 1010 -26.64 -8.75 17.65
C ASN A 1010 -27.86 -8.64 18.54
N MET A 1011 -27.86 -7.65 19.42
CA MET A 1011 -28.99 -7.41 20.31
C MET A 1011 -30.05 -6.56 19.63
N ASN A 1012 -29.75 -6.10 18.42
CA ASN A 1012 -30.57 -5.13 17.70
C ASN A 1012 -30.82 -3.90 18.57
N ASP A 1013 -29.75 -3.43 19.21
CA ASP A 1013 -29.82 -2.27 20.10
C ASP A 1013 -29.41 -1.02 19.33
N LYS A 1014 -30.25 0.02 19.39
CA LYS A 1014 -30.05 1.22 18.59
C LYS A 1014 -29.28 2.31 19.33
N ARG A 1015 -28.80 2.00 20.53
CA ARG A 1015 -28.00 2.95 21.29
C ARG A 1015 -26.71 3.29 20.55
N PRO A 1016 -26.12 4.46 20.85
CA PRO A 1016 -24.82 4.83 20.27
C PRO A 1016 -23.77 3.76 20.57
N PRO A 1017 -23.07 3.26 19.53
CA PRO A 1017 -22.12 2.16 19.68
C PRO A 1017 -20.76 2.58 20.24
N ARG A 1018 -20.79 3.28 21.37
CA ARG A 1018 -19.57 3.63 22.08
C ARG A 1018 -19.76 3.47 23.58
N ILE A 1019 -18.83 2.79 24.23
CA ILE A 1019 -18.88 2.62 25.67
C ILE A 1019 -18.11 3.75 26.36
N ILE A 1020 -18.83 4.57 27.11
CA ILE A 1020 -18.19 5.64 27.87
C ILE A 1020 -18.32 5.38 29.36
N LYS A 1021 -17.18 5.27 30.04
CA LYS A 1021 -17.16 5.06 31.48
C LYS A 1021 -16.77 6.35 32.19
N THR A 1022 -17.45 6.67 33.28
CA THR A 1022 -17.15 7.87 34.05
C THR A 1022 -16.47 7.51 35.36
N ILE A 1023 -15.25 7.97 35.54
CA ILE A 1023 -14.51 7.74 36.78
C ILE A 1023 -14.86 8.82 37.80
N ALA A 1024 -15.72 8.47 38.75
CA ALA A 1024 -16.18 9.44 39.73
C ALA A 1024 -16.39 8.79 41.09
N SER A 1025 -17.16 9.47 41.93
CA SER A 1025 -17.41 9.00 43.29
C SER A 1025 -18.29 7.74 43.32
N LYS A 1026 -19.00 7.49 42.22
CA LYS A 1026 -19.85 6.30 42.14
C LYS A 1026 -19.06 5.09 41.66
N THR A 1027 -17.80 5.29 41.30
CA THR A 1027 -16.93 4.20 40.87
C THR A 1027 -16.48 3.38 42.06
N GLN A 1028 -16.76 2.09 42.04
CA GLN A 1028 -16.47 1.20 43.15
C GLN A 1028 -15.05 0.64 43.12
N SER A 1029 -14.61 0.15 41.96
CA SER A 1029 -13.29 -0.47 41.87
C SER A 1029 -12.67 -0.35 40.48
N ILE A 1030 -11.35 -0.17 40.45
CA ILE A 1030 -10.59 -0.13 39.22
C ILE A 1030 -9.37 -1.03 39.32
N LYS A 1031 -9.25 -1.99 38.41
CA LYS A 1031 -8.09 -2.86 38.36
C LYS A 1031 -7.49 -2.87 36.96
N LYS A 1032 -6.18 -3.07 36.87
CA LYS A 1032 -5.51 -3.17 35.58
C LYS A 1032 -5.12 -4.62 35.31
N TYR A 1033 -5.59 -5.15 34.18
CA TYR A 1033 -5.23 -6.49 33.76
C TYR A 1033 -4.37 -6.43 32.51
N SER A 1034 -3.74 -7.56 32.19
CA SER A 1034 -2.96 -7.67 30.96
C SER A 1034 -3.01 -9.11 30.45
N THR A 1035 -2.50 -9.31 29.24
CA THR A 1035 -2.44 -10.64 28.68
C THR A 1035 -1.09 -10.91 28.06
N ASP A 1036 -0.74 -12.17 27.92
CA ASP A 1036 0.39 -12.55 27.09
C ASP A 1036 -0.08 -12.44 25.64
N ILE A 1037 0.77 -12.81 24.69
CA ILE A 1037 0.38 -12.70 23.30
C ILE A 1037 -0.65 -13.78 22.95
N LEU A 1038 -0.77 -14.78 23.81
CA LEU A 1038 -1.72 -15.86 23.60
C LEU A 1038 -3.10 -15.54 24.16
N GLY A 1039 -3.17 -14.57 25.06
CA GLY A 1039 -4.45 -14.13 25.60
C GLY A 1039 -4.75 -14.62 27.00
N ASN A 1040 -3.72 -15.14 27.67
CA ASN A 1040 -3.87 -15.59 29.05
C ASN A 1040 -3.84 -14.40 30.00
N LEU A 1041 -4.90 -14.25 30.79
CA LEU A 1041 -5.07 -13.10 31.68
C LEU A 1041 -4.18 -13.13 32.92
N TYR A 1042 -3.86 -11.94 33.44
CA TYR A 1042 -3.18 -11.80 34.72
C TYR A 1042 -3.31 -10.37 35.25
N GLU A 1043 -3.17 -10.21 36.56
CA GLU A 1043 -3.29 -8.92 37.21
C GLU A 1043 -1.90 -8.30 37.43
N VAL A 1044 -1.84 -6.97 37.50
CA VAL A 1044 -0.56 -6.27 37.63
C VAL A 1044 -0.48 -5.40 38.89
N LYS A 1045 0.72 -4.96 39.24
CA LYS A 1045 0.93 -4.07 40.38
C LYS A 1045 2.13 -3.14 40.17
N SER A 1046 2.00 -1.90 40.59
CA SER A 1046 3.06 -0.90 40.44
C SER A 1046 3.03 0.11 41.59
N LYS A 1047 4.10 0.90 41.73
CA LYS A 1047 4.21 1.81 42.87
C LYS A 1047 4.23 3.28 42.47
N LYS A 1048 4.70 3.58 41.26
CA LYS A 1048 4.81 4.96 40.82
C LYS A 1048 4.59 5.13 39.32
N HIS A 1049 4.19 6.34 38.92
CA HIS A 1049 3.92 6.64 37.52
C HIS A 1049 5.19 6.71 36.69
N PRO A 1050 5.27 5.91 35.62
CA PRO A 1050 6.41 5.92 34.70
C PRO A 1050 6.50 7.25 33.96
N GLN A 1051 7.62 7.96 34.12
CA GLN A 1051 7.75 9.28 33.54
C GLN A 1051 8.82 9.30 32.45
N ILE A 1052 9.58 8.22 32.34
CA ILE A 1052 10.60 8.08 31.30
C ILE A 1052 10.25 6.98 30.31
N ILE A 1053 10.21 7.33 29.02
CA ILE A 1053 9.95 6.35 27.97
C ILE A 1053 11.15 6.27 27.02
N LYS A 1054 11.66 5.05 26.83
CA LYS A 1054 12.85 4.86 26.00
C LYS A 1054 12.52 4.75 24.51
N LYS A 1055 12.95 5.75 23.73
CA LYS A 1055 12.76 5.72 22.28
C LYS A 1055 13.65 6.75 21.59
#